data_1EE4
#
_entry.id   1EE4
#
_cell.length_a   42.680
_cell.length_b   85.850
_cell.length_c   117.500
_cell.angle_alpha   90.00
_cell.angle_beta   93.42
_cell.angle_gamma   90.00
#
_symmetry.space_group_name_H-M   'P 1 21 1'
#
loop_
_entity.id
_entity.type
_entity.pdbx_description
1 polymer 'KARYOPHERIN ALPHA'
2 polymer 'MYC PROTO-ONCOGENE PROTEIN'
3 water water
#
loop_
_entity_poly.entity_id
_entity_poly.type
_entity_poly.pdbx_seq_one_letter_code
_entity_poly.pdbx_strand_id
1 'polypeptide(L)'
;QELPQMTQQLNSDDMQEQLSATVKFRQILSREHRPPIDVVIQAGVVPRLVEFMRENQPEMLQLEAAWALTNIASGTSAQT
KVVVDADAVPLFIQLLYTGSVEVKEQAIWALGNVAGDSTDYRDYVLQCNAMEPILGLFNSNKPSLIRTATWTLSNLCRGK
KPQPDWSVVSQALPTLAKLIYSMDTETLVDACWAISYLSDGPQEAIQAVIDVRIPKRLVELLSHESTLVQTPALRAVGNI
VTGNDLQTQVVINAGVLPALRLLLSSPKENIKKEACWTISNITAGNTEQIQAVIDANLIPPLVKLLEVAEDKTKKEACWA
ISNASSGGLQRPDIIRYLVSQGCIKPLCDLLEIADNRIIEVTLDALENILKMGEADKEARGLNINENADFIEKAGGMEKI
FNCQQNENDKIYEKAYKIIETYF
;
A,B
2 'polypeptide(L)' PAAKRVKLD C,D,E,F
#
# COMPACT_ATOMS: atom_id res chain seq x y z
N GLN A 1 14.96 -32.38 0.67
CA GLN A 1 13.61 -31.89 0.45
C GLN A 1 13.66 -30.81 -0.62
N GLU A 2 13.64 -29.55 -0.19
CA GLU A 2 13.72 -28.43 -1.12
C GLU A 2 15.18 -28.09 -1.33
N LEU A 3 16.02 -28.60 -0.45
CA LEU A 3 17.45 -28.31 -0.51
C LEU A 3 18.05 -28.42 -1.90
N PRO A 4 17.78 -29.50 -2.64
CA PRO A 4 18.34 -29.61 -3.99
C PRO A 4 17.92 -28.41 -4.84
N GLN A 5 16.64 -28.06 -4.75
CA GLN A 5 16.11 -26.95 -5.51
C GLN A 5 16.69 -25.65 -4.96
N MET A 6 16.75 -25.55 -3.63
CA MET A 6 17.29 -24.37 -2.96
C MET A 6 18.71 -24.08 -3.42
N THR A 7 19.55 -25.12 -3.48
CA THR A 7 20.93 -24.95 -3.91
C THR A 7 20.98 -24.41 -5.33
N GLN A 8 20.23 -25.03 -6.23
CA GLN A 8 20.21 -24.59 -7.62
C GLN A 8 19.74 -23.14 -7.69
N GLN A 9 18.68 -22.82 -6.96
CA GLN A 9 18.15 -21.45 -6.93
C GLN A 9 19.16 -20.45 -6.40
N LEU A 10 19.91 -20.84 -5.39
CA LEU A 10 20.89 -19.96 -4.78
C LEU A 10 21.95 -19.57 -5.80
N ASN A 11 22.36 -20.53 -6.63
CA ASN A 11 23.39 -20.30 -7.65
C ASN A 11 22.82 -19.69 -8.92
N SER A 12 21.50 -19.48 -8.94
CA SER A 12 20.85 -18.90 -10.10
C SER A 12 21.34 -17.47 -10.28
N ASP A 13 21.20 -16.93 -11.48
CA ASP A 13 21.62 -15.57 -11.77
C ASP A 13 20.49 -14.59 -11.50
N ASP A 14 19.27 -15.11 -11.35
CA ASP A 14 18.11 -14.29 -11.07
C ASP A 14 18.10 -13.91 -9.60
N MET A 15 17.98 -12.63 -9.30
CA MET A 15 18.01 -12.19 -7.91
C MET A 15 16.79 -12.56 -7.09
N GLN A 16 15.63 -12.69 -7.74
CA GLN A 16 14.43 -13.07 -7.00
C GLN A 16 14.61 -14.48 -6.45
N GLU A 17 15.19 -15.36 -7.27
CA GLU A 17 15.42 -16.74 -6.87
C GLU A 17 16.53 -16.83 -5.83
N GLN A 18 17.51 -15.93 -5.93
CA GLN A 18 18.62 -15.94 -4.98
C GLN A 18 18.08 -15.59 -3.59
N LEU A 19 17.23 -14.58 -3.51
CA LEU A 19 16.67 -14.16 -2.24
C LEU A 19 15.75 -15.22 -1.63
N SER A 20 14.88 -15.80 -2.47
CA SER A 20 13.98 -16.84 -2.00
C SER A 20 14.79 -17.99 -1.44
N ALA A 21 15.87 -18.34 -2.14
CA ALA A 21 16.74 -19.42 -1.73
C ALA A 21 17.49 -19.11 -0.44
N THR A 22 18.04 -17.90 -0.35
CA THR A 22 18.78 -17.48 0.84
C THR A 22 17.88 -17.51 2.08
N VAL A 23 16.64 -17.06 1.92
CA VAL A 23 15.68 -17.06 3.01
C VAL A 23 15.42 -18.49 3.47
N LYS A 24 15.23 -19.41 2.52
CA LYS A 24 14.98 -20.79 2.90
C LYS A 24 16.17 -21.34 3.68
N PHE A 25 17.38 -21.01 3.24
CA PHE A 25 18.57 -21.47 3.95
C PHE A 25 18.60 -20.86 5.35
N ARG A 26 18.18 -19.60 5.46
CA ARG A 26 18.15 -18.95 6.76
C ARG A 26 17.14 -19.64 7.65
N GLN A 27 15.99 -19.97 7.07
CA GLN A 27 14.93 -20.63 7.81
C GLN A 27 15.28 -22.02 8.33
N ILE A 28 15.74 -22.91 7.46
CA ILE A 28 16.09 -24.25 7.92
C ILE A 28 17.21 -24.25 8.95
N LEU A 29 18.02 -23.20 8.95
CA LEU A 29 19.12 -23.10 9.90
C LEU A 29 18.68 -22.49 11.24
N SER A 30 17.49 -21.90 11.28
CA SER A 30 16.99 -21.29 12.52
C SER A 30 16.35 -22.30 13.46
N ARG A 31 17.18 -23.16 14.02
CA ARG A 31 16.72 -24.19 14.95
C ARG A 31 17.74 -24.27 16.08
N GLU A 32 17.26 -24.20 17.32
CA GLU A 32 18.14 -24.24 18.47
C GLU A 32 18.75 -25.61 18.72
N HIS A 33 17.96 -26.66 18.48
CA HIS A 33 18.45 -28.01 18.71
C HIS A 33 18.71 -28.74 17.41
N ARG A 34 19.92 -29.26 17.27
CA ARG A 34 20.33 -30.01 16.09
C ARG A 34 20.02 -29.29 14.77
N PRO A 35 20.63 -28.11 14.56
CA PRO A 35 20.42 -27.32 13.34
C PRO A 35 21.08 -28.03 12.15
N PRO A 36 20.42 -28.00 10.97
CA PRO A 36 20.91 -28.63 9.74
C PRO A 36 22.19 -27.99 9.18
N ILE A 37 23.14 -27.65 10.05
CA ILE A 37 24.38 -27.01 9.62
C ILE A 37 25.20 -27.82 8.60
N ASP A 38 25.50 -29.07 8.93
CA ASP A 38 26.29 -29.93 8.06
C ASP A 38 25.67 -30.14 6.69
N VAL A 39 24.34 -30.29 6.65
CA VAL A 39 23.65 -30.50 5.38
C VAL A 39 23.83 -29.27 4.47
N VAL A 40 23.74 -28.09 5.07
CA VAL A 40 23.91 -26.85 4.32
C VAL A 40 25.35 -26.69 3.86
N ILE A 41 26.29 -27.00 4.75
CA ILE A 41 27.70 -26.91 4.41
C ILE A 41 28.01 -27.82 3.23
N GLN A 42 27.58 -29.07 3.33
CA GLN A 42 27.82 -30.05 2.28
C GLN A 42 27.13 -29.68 0.97
N ALA A 43 26.09 -28.85 1.04
CA ALA A 43 25.41 -28.43 -0.17
C ALA A 43 26.37 -27.49 -0.92
N GLY A 44 27.45 -27.11 -0.24
CA GLY A 44 28.47 -26.24 -0.81
C GLY A 44 28.07 -24.80 -1.05
N VAL A 45 27.04 -24.32 -0.38
CA VAL A 45 26.59 -22.95 -0.58
C VAL A 45 27.24 -21.85 0.27
N VAL A 46 28.14 -22.20 1.19
CA VAL A 46 28.76 -21.18 2.03
C VAL A 46 29.46 -20.07 1.24
N PRO A 47 30.32 -20.43 0.26
CA PRO A 47 31.01 -19.38 -0.51
C PRO A 47 30.00 -18.46 -1.20
N ARG A 48 28.89 -19.03 -1.66
CA ARG A 48 27.86 -18.25 -2.33
C ARG A 48 27.19 -17.29 -1.35
N LEU A 49 26.88 -17.77 -0.15
CA LEU A 49 26.26 -16.92 0.86
C LEU A 49 27.20 -15.78 1.22
N VAL A 50 28.49 -16.11 1.36
CA VAL A 50 29.49 -15.10 1.70
C VAL A 50 29.51 -14.08 0.56
N GLU A 51 29.39 -14.57 -0.67
CA GLU A 51 29.36 -13.70 -1.83
C GLU A 51 28.19 -12.71 -1.77
N PHE A 52 27.08 -13.12 -1.17
CA PHE A 52 25.91 -12.23 -1.07
C PHE A 52 26.07 -11.14 -0.03
N MET A 53 27.15 -11.19 0.74
CA MET A 53 27.39 -10.16 1.75
C MET A 53 28.24 -9.04 1.20
N ARG A 54 28.66 -9.16 -0.04
CA ARG A 54 29.48 -8.12 -0.64
C ARG A 54 28.75 -6.79 -0.60
N GLU A 55 29.54 -5.73 -0.48
CA GLU A 55 29.04 -4.37 -0.37
C GLU A 55 27.91 -3.92 -1.29
N ASN A 56 27.95 -4.27 -2.58
CA ASN A 56 26.90 -3.85 -3.50
C ASN A 56 25.73 -4.80 -3.69
N GLN A 57 25.68 -5.87 -2.90
CA GLN A 57 24.59 -6.83 -3.01
C GLN A 57 23.30 -6.23 -2.46
N PRO A 58 22.15 -6.69 -2.96
CA PRO A 58 20.87 -6.18 -2.48
C PRO A 58 20.83 -6.33 -0.95
N GLU A 59 20.25 -5.35 -0.29
CA GLU A 59 20.14 -5.34 1.16
C GLU A 59 19.56 -6.61 1.78
N MET A 60 18.37 -7.01 1.32
CA MET A 60 17.75 -8.21 1.85
C MET A 60 18.62 -9.43 1.69
N LEU A 61 19.37 -9.48 0.60
CA LEU A 61 20.25 -10.59 0.31
C LEU A 61 21.39 -10.60 1.33
N GLN A 62 22.01 -9.44 1.58
CA GLN A 62 23.10 -9.37 2.56
C GLN A 62 22.56 -9.85 3.90
N LEU A 63 21.39 -9.31 4.23
CA LEU A 63 20.71 -9.58 5.48
C LEU A 63 20.43 -11.06 5.72
N GLU A 64 19.72 -11.71 4.80
CA GLU A 64 19.41 -13.13 4.93
C GLU A 64 20.65 -14.02 4.87
N ALA A 65 21.62 -13.65 4.05
CA ALA A 65 22.83 -14.43 3.92
C ALA A 65 23.67 -14.35 5.18
N ALA A 66 23.76 -13.17 5.78
CA ALA A 66 24.53 -12.98 6.99
C ALA A 66 23.86 -13.74 8.14
N TRP A 67 22.53 -13.74 8.14
CA TRP A 67 21.77 -14.42 9.18
C TRP A 67 22.04 -15.92 9.06
N ALA A 68 22.00 -16.44 7.83
CA ALA A 68 22.27 -17.85 7.61
C ALA A 68 23.68 -18.20 8.07
N LEU A 69 24.66 -17.42 7.65
CA LEU A 69 26.04 -17.69 8.05
C LEU A 69 26.20 -17.57 9.56
N THR A 70 25.44 -16.66 10.16
CA THR A 70 25.50 -16.48 11.61
C THR A 70 25.17 -17.79 12.33
N ASN A 71 24.14 -18.48 11.86
CA ASN A 71 23.76 -19.74 12.48
C ASN A 71 24.66 -20.90 12.11
N ILE A 72 25.35 -20.81 10.98
CA ILE A 72 26.28 -21.88 10.63
C ILE A 72 27.44 -21.72 11.62
N ALA A 73 27.82 -20.47 11.88
CA ALA A 73 28.92 -20.19 12.80
C ALA A 73 28.53 -20.48 14.25
N SER A 74 27.25 -20.78 14.49
CA SER A 74 26.80 -21.08 15.84
C SER A 74 27.08 -22.54 16.15
N GLY A 75 27.68 -23.26 15.21
CA GLY A 75 27.96 -24.66 15.42
C GLY A 75 29.32 -24.96 15.97
N THR A 76 29.89 -26.10 15.57
CA THR A 76 31.19 -26.54 16.03
C THR A 76 32.32 -25.76 15.38
N SER A 77 33.53 -25.93 15.91
CA SER A 77 34.69 -25.24 15.37
C SER A 77 34.94 -25.67 13.92
N ALA A 78 34.54 -26.90 13.59
CA ALA A 78 34.72 -27.41 12.25
C ALA A 78 33.76 -26.71 11.29
N GLN A 79 32.51 -26.57 11.72
CA GLN A 79 31.50 -25.91 10.89
C GLN A 79 31.81 -24.42 10.78
N THR A 80 32.31 -23.84 11.87
CA THR A 80 32.65 -22.42 11.89
C THR A 80 33.84 -22.15 10.98
N LYS A 81 34.76 -23.11 10.94
CA LYS A 81 35.96 -23.01 10.11
C LYS A 81 35.57 -22.78 8.66
N VAL A 82 34.52 -23.48 8.20
CA VAL A 82 34.05 -23.33 6.83
C VAL A 82 33.70 -21.88 6.54
N VAL A 83 32.99 -21.24 7.45
CA VAL A 83 32.63 -19.84 7.25
C VAL A 83 33.88 -18.97 7.23
N VAL A 84 34.77 -19.18 8.18
CA VAL A 84 36.00 -18.40 8.27
C VAL A 84 36.90 -18.58 7.05
N ASP A 85 37.09 -19.81 6.59
CA ASP A 85 37.95 -20.02 5.42
C ASP A 85 37.33 -19.43 4.15
N ALA A 86 36.01 -19.25 4.17
CA ALA A 86 35.34 -18.68 3.01
C ALA A 86 35.46 -17.15 3.03
N ASP A 87 36.33 -16.66 3.93
CA ASP A 87 36.61 -15.23 4.09
C ASP A 87 35.42 -14.38 4.49
N ALA A 88 34.49 -14.95 5.25
CA ALA A 88 33.30 -14.22 5.68
C ALA A 88 33.57 -13.12 6.73
N VAL A 89 34.51 -13.37 7.63
CA VAL A 89 34.83 -12.41 8.68
C VAL A 89 35.08 -10.99 8.20
N PRO A 90 36.05 -10.81 7.29
CA PRO A 90 36.27 -9.43 6.85
C PRO A 90 35.00 -8.79 6.27
N LEU A 91 34.10 -9.61 5.71
CA LEU A 91 32.86 -9.10 5.15
C LEU A 91 31.85 -8.75 6.24
N PHE A 92 31.85 -9.51 7.32
CA PHE A 92 30.96 -9.23 8.44
C PHE A 92 31.36 -7.86 8.98
N ILE A 93 32.66 -7.68 9.14
CA ILE A 93 33.22 -6.44 9.67
C ILE A 93 32.87 -5.22 8.83
N GLN A 94 32.99 -5.35 7.50
CA GLN A 94 32.67 -4.24 6.61
C GLN A 94 31.18 -3.92 6.66
N LEU A 95 30.35 -4.95 6.86
CA LEU A 95 28.91 -4.75 6.95
C LEU A 95 28.59 -3.92 8.20
N LEU A 96 29.43 -4.06 9.23
CA LEU A 96 29.24 -3.29 10.45
C LEU A 96 29.39 -1.79 10.16
N TYR A 97 30.19 -1.45 9.15
CA TYR A 97 30.39 -0.06 8.76
C TYR A 97 29.32 0.47 7.80
N THR A 98 29.07 -0.29 6.75
CA THR A 98 28.14 0.10 5.68
C THR A 98 26.73 -0.48 5.68
N GLY A 99 26.51 -1.55 6.43
CA GLY A 99 25.20 -2.16 6.44
C GLY A 99 24.09 -1.36 7.10
N SER A 100 22.85 -1.61 6.69
CA SER A 100 21.71 -0.95 7.28
C SER A 100 21.66 -1.55 8.69
N VAL A 101 20.89 -0.92 9.58
CA VAL A 101 20.80 -1.40 10.95
C VAL A 101 20.50 -2.90 11.01
N GLU A 102 19.51 -3.34 10.23
CA GLU A 102 19.11 -4.75 10.21
C GLU A 102 20.25 -5.64 9.78
N VAL A 103 21.01 -5.20 8.79
CA VAL A 103 22.15 -5.95 8.30
C VAL A 103 23.21 -6.04 9.41
N LYS A 104 23.48 -4.92 10.07
CA LYS A 104 24.46 -4.90 11.14
C LYS A 104 24.10 -5.86 12.26
N GLU A 105 22.81 -5.97 12.56
CA GLU A 105 22.35 -6.87 13.60
C GLU A 105 22.71 -8.32 13.28
N GLN A 106 22.76 -8.66 11.99
CA GLN A 106 23.11 -10.03 11.60
C GLN A 106 24.64 -10.17 11.71
N ALA A 107 25.36 -9.22 11.11
CA ALA A 107 26.82 -9.24 11.11
C ALA A 107 27.46 -9.32 12.50
N ILE A 108 26.99 -8.50 13.45
CA ILE A 108 27.57 -8.52 14.79
C ILE A 108 27.31 -9.85 15.51
N TRP A 109 26.16 -10.46 15.24
CA TRP A 109 25.82 -11.73 15.86
C TRP A 109 26.78 -12.78 15.30
N ALA A 110 26.99 -12.72 14.00
CA ALA A 110 27.89 -13.65 13.33
C ALA A 110 29.28 -13.55 13.92
N LEU A 111 29.75 -12.32 14.12
CA LEU A 111 31.06 -12.09 14.69
C LEU A 111 31.11 -12.59 16.12
N GLY A 112 29.96 -12.56 16.79
CA GLY A 112 29.87 -13.04 18.16
C GLY A 112 30.10 -14.54 18.22
N ASN A 113 29.51 -15.29 17.29
CA ASN A 113 29.70 -16.74 17.27
C ASN A 113 31.09 -17.12 16.82
N VAL A 114 31.64 -16.37 15.87
CA VAL A 114 32.98 -16.64 15.37
C VAL A 114 34.00 -16.43 16.49
N ALA A 115 33.96 -15.26 17.09
CA ALA A 115 34.90 -14.93 18.17
C ALA A 115 34.69 -15.85 19.37
N GLY A 116 33.47 -16.32 19.56
CA GLY A 116 33.18 -17.19 20.68
C GLY A 116 33.53 -18.64 20.44
N ASP A 117 34.01 -18.95 19.25
CA ASP A 117 34.36 -20.34 18.92
C ASP A 117 35.61 -20.79 19.66
N SER A 118 36.68 -20.02 19.56
CA SER A 118 37.93 -20.37 20.22
C SER A 118 38.88 -19.17 20.28
N THR A 119 39.97 -19.31 21.01
CA THR A 119 40.95 -18.24 21.16
C THR A 119 41.51 -17.81 19.82
N ASP A 120 41.72 -18.76 18.92
CA ASP A 120 42.24 -18.42 17.59
C ASP A 120 41.25 -17.65 16.74
N TYR A 121 39.99 -18.03 16.75
CA TYR A 121 38.99 -17.29 15.97
C TYR A 121 38.71 -15.95 16.65
N ARG A 122 38.88 -15.92 17.98
CA ARG A 122 38.69 -14.69 18.74
C ARG A 122 39.81 -13.75 18.26
N ASP A 123 41.04 -14.27 18.26
CA ASP A 123 42.18 -13.47 17.81
C ASP A 123 42.06 -13.09 16.35
N TYR A 124 41.58 -14.02 15.52
CA TYR A 124 41.42 -13.74 14.10
C TYR A 124 40.53 -12.52 13.88
N VAL A 125 39.38 -12.50 14.55
CA VAL A 125 38.45 -11.38 14.42
C VAL A 125 39.10 -10.09 14.87
N LEU A 126 39.88 -10.16 15.95
CA LEU A 126 40.58 -8.98 16.45
C LEU A 126 41.61 -8.52 15.41
N GLN A 127 42.32 -9.48 14.83
CA GLN A 127 43.33 -9.18 13.81
C GLN A 127 42.70 -8.50 12.59
N CYS A 128 41.44 -8.83 12.29
CA CYS A 128 40.76 -8.23 11.15
C CYS A 128 40.26 -6.84 11.51
N ASN A 129 40.69 -6.36 12.68
CA ASN A 129 40.31 -5.04 13.16
C ASN A 129 38.82 -4.87 13.33
N ALA A 130 38.20 -5.82 14.00
CA ALA A 130 36.76 -5.78 14.24
C ALA A 130 36.42 -4.84 15.39
N MET A 131 37.38 -4.60 16.28
CA MET A 131 37.15 -3.76 17.44
C MET A 131 36.60 -2.37 17.11
N GLU A 132 37.25 -1.66 16.19
CA GLU A 132 36.79 -0.32 15.85
C GLU A 132 35.31 -0.26 15.43
N PRO A 133 34.93 -0.98 14.36
CA PRO A 133 33.52 -0.91 13.98
C PRO A 133 32.57 -1.38 15.08
N ILE A 134 33.02 -2.33 15.90
CA ILE A 134 32.17 -2.83 16.98
C ILE A 134 31.92 -1.78 18.06
N LEU A 135 32.96 -1.12 18.53
CA LEU A 135 32.78 -0.11 19.56
C LEU A 135 31.85 0.98 19.01
N GLY A 136 31.87 1.16 17.70
CA GLY A 136 31.03 2.16 17.07
C GLY A 136 29.55 1.85 17.19
N LEU A 137 29.21 0.58 17.29
CA LEU A 137 27.82 0.16 17.41
C LEU A 137 27.14 0.68 18.68
N PHE A 138 27.93 0.94 19.72
CA PHE A 138 27.36 1.41 20.98
C PHE A 138 26.86 2.85 20.97
N ASN A 139 27.01 3.50 19.83
CA ASN A 139 26.55 4.87 19.68
C ASN A 139 25.31 4.84 18.78
N SER A 140 24.79 3.63 18.53
CA SER A 140 23.62 3.45 17.67
C SER A 140 22.28 3.81 18.29
N ASN A 141 22.20 3.84 19.61
CA ASN A 141 20.92 4.14 20.28
C ASN A 141 19.93 3.06 19.90
N LYS A 142 20.45 1.87 19.57
CA LYS A 142 19.64 0.74 19.18
C LYS A 142 19.84 -0.38 20.20
N PRO A 143 18.86 -0.58 21.10
CA PRO A 143 18.94 -1.62 22.11
C PRO A 143 19.28 -3.02 21.62
N SER A 144 18.48 -3.56 20.73
CA SER A 144 18.74 -4.92 20.23
C SER A 144 20.17 -5.08 19.70
N LEU A 145 20.62 -4.08 18.93
CA LEU A 145 21.96 -4.11 18.35
C LEU A 145 23.03 -4.06 19.44
N ILE A 146 22.86 -3.16 20.39
CA ILE A 146 23.81 -3.02 21.48
C ILE A 146 23.92 -4.29 22.31
N ARG A 147 22.79 -4.93 22.58
CA ARG A 147 22.80 -6.19 23.34
C ARG A 147 23.72 -7.21 22.68
N THR A 148 23.51 -7.43 21.38
CA THR A 148 24.32 -8.39 20.64
C THR A 148 25.79 -7.94 20.59
N ALA A 149 26.02 -6.64 20.39
CA ALA A 149 27.38 -6.12 20.34
C ALA A 149 28.11 -6.27 21.68
N THR A 150 27.37 -6.12 22.77
CA THR A 150 27.99 -6.25 24.10
C THR A 150 28.44 -7.70 24.27
N TRP A 151 27.56 -8.62 23.89
CA TRP A 151 27.85 -10.04 23.94
C TRP A 151 29.07 -10.36 23.08
N THR A 152 29.04 -9.90 21.83
CA THR A 152 30.16 -10.14 20.92
C THR A 152 31.44 -9.58 21.55
N LEU A 153 31.34 -8.36 22.06
CA LEU A 153 32.47 -7.71 22.69
C LEU A 153 33.04 -8.57 23.82
N SER A 154 32.17 -9.22 24.59
CA SER A 154 32.65 -10.06 25.69
C SER A 154 33.39 -11.29 25.17
N ASN A 155 32.94 -11.87 24.06
CA ASN A 155 33.66 -13.03 23.51
C ASN A 155 35.04 -12.60 23.04
N LEU A 156 35.19 -11.34 22.64
CA LEU A 156 36.50 -10.87 22.19
C LEU A 156 37.47 -10.69 23.36
N CYS A 157 36.91 -10.50 24.56
CA CYS A 157 37.73 -10.30 25.77
C CYS A 157 37.95 -11.61 26.53
N ARG A 158 37.10 -12.58 26.26
CA ARG A 158 37.15 -13.88 26.94
C ARG A 158 38.34 -14.74 26.54
N GLY A 159 38.81 -15.56 27.48
CA GLY A 159 39.94 -16.43 27.23
C GLY A 159 41.17 -15.95 27.98
N LYS A 160 41.69 -16.79 28.86
CA LYS A 160 42.85 -16.43 29.68
C LYS A 160 44.11 -17.12 29.13
N LYS A 161 43.92 -18.29 28.56
CA LYS A 161 45.03 -19.05 28.00
C LYS A 161 44.67 -19.52 26.62
N PRO A 162 45.03 -18.75 25.59
CA PRO A 162 45.75 -17.47 25.46
C PRO A 162 44.91 -16.21 25.74
N GLN A 163 45.55 -15.20 26.34
CA GLN A 163 44.91 -13.92 26.63
C GLN A 163 44.80 -13.14 25.32
N PRO A 164 43.68 -12.46 25.08
CA PRO A 164 43.53 -11.69 23.83
C PRO A 164 44.52 -10.52 23.79
N ASP A 165 44.76 -9.99 22.59
CA ASP A 165 45.67 -8.86 22.41
C ASP A 165 45.20 -7.71 23.31
N TRP A 166 45.94 -7.46 24.38
CA TRP A 166 45.58 -6.39 25.32
C TRP A 166 45.51 -5.01 24.70
N SER A 167 46.43 -4.72 23.77
CA SER A 167 46.46 -3.42 23.11
C SER A 167 45.18 -3.15 22.34
N VAL A 168 44.44 -4.21 22.03
CA VAL A 168 43.18 -4.05 21.30
C VAL A 168 41.95 -4.11 22.20
N VAL A 169 41.85 -5.16 23.02
CA VAL A 169 40.69 -5.28 23.90
C VAL A 169 40.63 -4.18 24.95
N SER A 170 41.79 -3.64 25.33
CA SER A 170 41.79 -2.58 26.32
C SER A 170 41.05 -1.38 25.75
N GLN A 171 41.02 -1.27 24.42
CA GLN A 171 40.32 -0.16 23.76
C GLN A 171 38.84 -0.08 24.13
N ALA A 172 38.27 -1.20 24.57
CA ALA A 172 36.85 -1.23 24.90
C ALA A 172 36.51 -0.86 26.34
N LEU A 173 37.52 -0.56 27.17
CA LEU A 173 37.24 -0.22 28.55
C LEU A 173 36.33 0.99 28.73
N PRO A 174 36.62 2.10 28.06
CA PRO A 174 35.76 3.28 28.20
C PRO A 174 34.31 2.92 27.90
N THR A 175 34.10 2.15 26.84
CA THR A 175 32.75 1.74 26.45
C THR A 175 32.14 0.87 27.55
N LEU A 176 32.86 -0.14 28.00
CA LEU A 176 32.37 -1.02 29.05
C LEU A 176 32.08 -0.25 30.34
N ALA A 177 32.87 0.78 30.62
CA ALA A 177 32.65 1.57 31.84
C ALA A 177 31.29 2.28 31.81
N LYS A 178 30.86 2.68 30.62
CA LYS A 178 29.57 3.35 30.49
C LYS A 178 28.43 2.33 30.44
N LEU A 179 28.68 1.21 29.78
CA LEU A 179 27.67 0.16 29.67
C LEU A 179 27.17 -0.40 31.00
N ILE A 180 28.04 -0.50 32.01
CA ILE A 180 27.57 -1.06 33.28
C ILE A 180 26.65 -0.12 34.03
N TYR A 181 26.27 0.97 33.37
CA TYR A 181 25.31 1.93 33.91
C TYR A 181 24.01 1.82 33.11
N SER A 182 23.99 0.87 32.18
CA SER A 182 22.80 0.65 31.37
C SER A 182 21.68 0.11 32.24
N MET A 183 20.44 0.43 31.88
CA MET A 183 19.29 -0.05 32.63
C MET A 183 18.80 -1.36 32.01
N ASP A 184 19.37 -1.72 30.87
CA ASP A 184 18.98 -2.95 30.19
C ASP A 184 19.72 -4.12 30.82
N THR A 185 19.00 -4.96 31.55
CA THR A 185 19.61 -6.11 32.22
C THR A 185 20.47 -6.98 31.31
N GLU A 186 19.93 -7.36 30.16
CA GLU A 186 20.68 -8.18 29.21
C GLU A 186 22.04 -7.59 28.81
N THR A 187 22.06 -6.29 28.52
CA THR A 187 23.31 -5.62 28.14
C THR A 187 24.24 -5.59 29.34
N LEU A 188 23.69 -5.20 30.48
CA LEU A 188 24.43 -5.09 31.72
C LEU A 188 25.13 -6.41 32.06
N VAL A 189 24.40 -7.51 31.97
CA VAL A 189 24.96 -8.82 32.25
C VAL A 189 26.19 -9.09 31.40
N ASP A 190 26.05 -8.90 30.09
CA ASP A 190 27.19 -9.13 29.20
C ASP A 190 28.32 -8.14 29.36
N ALA A 191 27.99 -6.91 29.76
CA ALA A 191 29.02 -5.91 29.98
C ALA A 191 29.85 -6.36 31.17
N CYS A 192 29.18 -6.85 32.22
CA CYS A 192 29.85 -7.32 33.43
C CYS A 192 30.71 -8.54 33.15
N TRP A 193 30.23 -9.42 32.28
CA TRP A 193 31.04 -10.58 31.92
C TRP A 193 32.29 -10.09 31.19
N ALA A 194 32.09 -9.22 30.20
CA ALA A 194 33.21 -8.67 29.44
C ALA A 194 34.27 -8.11 30.40
N ILE A 195 33.81 -7.29 31.34
CA ILE A 195 34.69 -6.69 32.33
C ILE A 195 35.39 -7.71 33.21
N SER A 196 34.70 -8.78 33.58
CA SER A 196 35.33 -9.80 34.42
C SER A 196 36.45 -10.49 33.64
N TYR A 197 36.33 -10.55 32.32
CA TYR A 197 37.35 -11.18 31.49
C TYR A 197 38.58 -10.27 31.40
N LEU A 198 38.35 -8.99 31.19
CA LEU A 198 39.43 -8.01 31.10
C LEU A 198 40.13 -7.86 32.45
N SER A 199 39.36 -7.99 33.52
CA SER A 199 39.89 -7.87 34.87
C SER A 199 40.67 -9.12 35.26
N ASP A 200 40.47 -10.20 34.50
CA ASP A 200 41.15 -11.45 34.77
C ASP A 200 42.45 -11.50 33.99
N GLY A 201 43.47 -10.84 34.52
CA GLY A 201 44.76 -10.80 33.86
C GLY A 201 45.83 -10.10 34.68
N PRO A 202 46.92 -9.67 34.05
CA PRO A 202 48.05 -8.99 34.70
C PRO A 202 47.71 -7.69 35.42
N GLN A 203 48.67 -7.21 36.21
CA GLN A 203 48.53 -5.99 36.98
C GLN A 203 48.07 -4.80 36.15
N GLU A 204 48.64 -4.65 34.95
CA GLU A 204 48.28 -3.54 34.08
C GLU A 204 46.82 -3.57 33.64
N ALA A 205 46.27 -4.77 33.43
CA ALA A 205 44.88 -4.90 33.01
C ALA A 205 43.97 -4.49 34.15
N ILE A 206 44.22 -5.02 35.35
CA ILE A 206 43.43 -4.68 36.51
C ILE A 206 43.51 -3.18 36.75
N GLN A 207 44.69 -2.60 36.53
CA GLN A 207 44.88 -1.18 36.73
C GLN A 207 44.10 -0.36 35.71
N ALA A 208 44.00 -0.86 34.49
CA ALA A 208 43.27 -0.15 33.45
C ALA A 208 41.78 -0.15 33.81
N VAL A 209 41.32 -1.23 34.42
CA VAL A 209 39.93 -1.35 34.84
C VAL A 209 39.70 -0.39 35.99
N ILE A 210 40.66 -0.34 36.90
CA ILE A 210 40.57 0.57 38.03
C ILE A 210 40.64 2.02 37.58
N ASP A 211 41.49 2.33 36.60
CA ASP A 211 41.62 3.71 36.14
C ASP A 211 40.36 4.27 35.49
N VAL A 212 39.54 3.44 34.84
CA VAL A 212 38.33 3.97 34.23
C VAL A 212 37.19 4.02 35.26
N ARG A 213 37.55 3.76 36.52
CA ARG A 213 36.61 3.80 37.64
C ARG A 213 35.45 2.82 37.61
N ILE A 214 35.71 1.62 37.06
CA ILE A 214 34.72 0.56 36.98
C ILE A 214 34.38 -0.05 38.34
N PRO A 215 35.37 -0.24 39.23
CA PRO A 215 35.05 -0.84 40.53
C PRO A 215 33.87 -0.22 41.29
N LYS A 216 33.80 1.10 41.37
CA LYS A 216 32.71 1.73 42.08
C LYS A 216 31.36 1.17 41.64
N ARG A 217 31.17 1.02 40.33
CA ARG A 217 29.92 0.51 39.78
C ARG A 217 29.70 -0.97 40.04
N LEU A 218 30.77 -1.76 39.92
CA LEU A 218 30.68 -3.19 40.15
C LEU A 218 30.18 -3.48 41.55
N VAL A 219 30.67 -2.71 42.54
CA VAL A 219 30.27 -2.88 43.93
C VAL A 219 28.76 -2.64 44.07
N GLU A 220 28.28 -1.58 43.44
CA GLU A 220 26.87 -1.25 43.48
C GLU A 220 26.03 -2.34 42.80
N LEU A 221 26.54 -2.90 41.71
CA LEU A 221 25.81 -3.95 41.01
C LEU A 221 25.71 -5.24 41.83
N LEU A 222 26.52 -5.36 42.86
CA LEU A 222 26.49 -6.52 43.72
C LEU A 222 25.13 -6.65 44.41
N SER A 223 24.40 -5.54 44.45
CA SER A 223 23.08 -5.53 45.07
C SER A 223 21.97 -5.39 44.03
N HIS A 224 22.30 -5.68 42.78
CA HIS A 224 21.32 -5.59 41.71
C HIS A 224 20.26 -6.67 41.99
N GLU A 225 19.00 -6.37 41.70
CA GLU A 225 17.94 -7.32 41.98
C GLU A 225 18.05 -8.67 41.29
N SER A 226 18.84 -8.77 40.21
CA SER A 226 18.99 -10.04 39.51
C SER A 226 20.35 -10.69 39.76
N THR A 227 20.36 -11.98 40.09
CA THR A 227 21.63 -12.65 40.32
C THR A 227 22.38 -12.82 39.02
N LEU A 228 21.70 -12.62 37.89
CA LEU A 228 22.35 -12.74 36.59
C LEU A 228 23.36 -11.60 36.43
N VAL A 229 23.11 -10.50 37.12
CA VAL A 229 23.99 -9.33 37.11
C VAL A 229 24.98 -9.47 38.27
N GLN A 230 24.48 -9.92 39.42
CA GLN A 230 25.33 -10.10 40.58
C GLN A 230 26.51 -11.04 40.32
N THR A 231 26.23 -12.16 39.67
CA THR A 231 27.27 -13.15 39.40
C THR A 231 28.49 -12.59 38.66
N PRO A 232 28.28 -11.99 37.48
CA PRO A 232 29.44 -11.44 36.76
C PRO A 232 30.09 -10.29 37.50
N ALA A 233 29.28 -9.38 38.06
CA ALA A 233 29.84 -8.24 38.78
C ALA A 233 30.70 -8.73 39.95
N LEU A 234 30.25 -9.76 40.64
CA LEU A 234 31.02 -10.28 41.76
C LEU A 234 32.30 -10.92 41.23
N ARG A 235 32.21 -11.56 40.07
CA ARG A 235 33.38 -12.20 39.46
C ARG A 235 34.41 -11.13 39.12
N ALA A 236 33.96 -10.04 38.50
CA ALA A 236 34.85 -8.94 38.14
C ALA A 236 35.52 -8.38 39.41
N VAL A 237 34.72 -8.15 40.45
CA VAL A 237 35.25 -7.65 41.72
C VAL A 237 36.30 -8.61 42.27
N GLY A 238 36.00 -9.90 42.24
CA GLY A 238 36.94 -10.90 42.73
C GLY A 238 38.23 -10.86 41.96
N ASN A 239 38.14 -10.82 40.63
CA ASN A 239 39.33 -10.78 39.80
C ASN A 239 40.17 -9.55 40.10
N ILE A 240 39.52 -8.45 40.41
CA ILE A 240 40.26 -7.23 40.68
C ILE A 240 41.07 -7.31 41.97
N VAL A 241 40.51 -7.95 43.00
CA VAL A 241 41.20 -8.09 44.27
C VAL A 241 42.26 -9.18 44.29
N THR A 242 42.56 -9.72 43.10
CA THR A 242 43.62 -10.71 42.98
C THR A 242 44.84 -9.86 42.64
N GLY A 243 44.61 -8.54 42.55
CA GLY A 243 45.68 -7.61 42.24
C GLY A 243 46.49 -7.30 43.49
N ASN A 244 47.39 -6.31 43.40
CA ASN A 244 48.21 -5.99 44.56
C ASN A 244 47.42 -5.29 45.66
N ASP A 245 48.08 -5.06 46.81
CA ASP A 245 47.42 -4.43 47.93
C ASP A 245 46.82 -3.07 47.58
N LEU A 246 47.52 -2.32 46.73
CA LEU A 246 47.04 -1.00 46.33
C LEU A 246 45.74 -1.11 45.51
N GLN A 247 45.74 -1.97 44.50
CA GLN A 247 44.57 -2.16 43.66
C GLN A 247 43.42 -2.70 44.51
N THR A 248 43.74 -3.60 45.44
CA THR A 248 42.73 -4.19 46.32
C THR A 248 42.11 -3.12 47.21
N GLN A 249 42.93 -2.17 47.65
CA GLN A 249 42.44 -1.10 48.52
C GLN A 249 41.43 -0.20 47.81
N VAL A 250 41.55 -0.09 46.49
CA VAL A 250 40.61 0.73 45.73
C VAL A 250 39.23 0.11 45.86
N VAL A 251 39.17 -1.21 45.75
CA VAL A 251 37.92 -1.93 45.85
C VAL A 251 37.36 -1.81 47.28
N ILE A 252 38.25 -1.85 48.27
CA ILE A 252 37.79 -1.71 49.65
C ILE A 252 37.22 -0.30 49.81
N ASN A 253 37.91 0.68 49.23
CA ASN A 253 37.46 2.06 49.34
C ASN A 253 36.14 2.28 48.60
N ALA A 254 35.83 1.41 47.64
CA ALA A 254 34.58 1.52 46.90
C ALA A 254 33.47 0.83 47.70
N GLY A 255 33.79 0.49 48.96
CA GLY A 255 32.84 -0.13 49.87
C GLY A 255 32.40 -1.56 49.59
N VAL A 256 33.33 -2.39 49.12
CA VAL A 256 33.03 -3.78 48.79
C VAL A 256 32.74 -4.67 49.99
N LEU A 257 33.37 -4.38 51.14
CA LEU A 257 33.19 -5.21 52.33
C LEU A 257 31.74 -5.32 52.83
N PRO A 258 31.05 -4.18 53.01
CA PRO A 258 29.67 -4.27 53.49
C PRO A 258 28.80 -5.01 52.46
N ALA A 259 29.11 -4.82 51.18
CA ALA A 259 28.36 -5.47 50.11
C ALA A 259 28.55 -6.97 50.18
N LEU A 260 29.80 -7.39 50.36
CA LEU A 260 30.14 -8.81 50.46
C LEU A 260 29.44 -9.42 51.67
N ARG A 261 29.28 -8.60 52.70
CA ARG A 261 28.65 -9.05 53.93
C ARG A 261 27.22 -9.49 53.62
N LEU A 262 26.52 -8.74 52.77
CA LEU A 262 25.16 -9.09 52.43
C LEU A 262 25.16 -10.34 51.54
N LEU A 263 26.14 -10.43 50.64
CA LEU A 263 26.22 -11.57 49.75
C LEU A 263 26.43 -12.87 50.51
N LEU A 264 27.03 -12.78 51.69
CA LEU A 264 27.27 -13.97 52.49
C LEU A 264 25.98 -14.68 52.89
N SER A 265 24.84 -13.99 52.80
CA SER A 265 23.56 -14.61 53.14
C SER A 265 22.67 -14.71 51.91
N SER A 266 23.28 -14.65 50.74
CA SER A 266 22.53 -14.76 49.49
C SER A 266 21.86 -16.13 49.36
N PRO A 267 20.71 -16.19 48.70
CA PRO A 267 19.94 -17.42 48.46
C PRO A 267 20.70 -18.36 47.51
N LYS A 268 21.56 -17.78 46.69
CA LYS A 268 22.33 -18.57 45.73
C LYS A 268 23.65 -19.04 46.34
N GLU A 269 23.84 -20.35 46.39
CA GLU A 269 25.05 -20.91 46.99
C GLU A 269 26.33 -20.44 46.27
N ASN A 270 26.27 -20.32 44.94
CA ASN A 270 27.45 -19.87 44.21
C ASN A 270 27.79 -18.42 44.52
N ILE A 271 26.79 -17.65 44.94
CA ILE A 271 27.04 -16.26 45.29
C ILE A 271 27.80 -16.26 46.61
N LYS A 272 27.34 -17.06 47.55
CA LYS A 272 28.01 -17.15 48.84
C LYS A 272 29.43 -17.68 48.65
N LYS A 273 29.60 -18.66 47.76
CA LYS A 273 30.91 -19.23 47.51
C LYS A 273 31.89 -18.19 46.97
N GLU A 274 31.48 -17.47 45.94
CA GLU A 274 32.32 -16.45 45.34
C GLU A 274 32.53 -15.24 46.25
N ALA A 275 31.60 -14.98 47.15
CA ALA A 275 31.76 -13.86 48.05
C ALA A 275 32.91 -14.21 49.00
N CYS A 276 32.97 -15.47 49.43
CA CYS A 276 34.04 -15.91 50.32
C CYS A 276 35.35 -15.91 49.56
N TRP A 277 35.30 -16.30 48.30
CA TRP A 277 36.48 -16.32 47.46
C TRP A 277 37.03 -14.91 47.38
N THR A 278 36.15 -13.96 47.15
CA THR A 278 36.54 -12.56 47.06
C THR A 278 37.11 -12.08 48.40
N ILE A 279 36.46 -12.44 49.50
CA ILE A 279 36.98 -12.03 50.80
C ILE A 279 38.35 -12.66 51.04
N SER A 280 38.54 -13.91 50.61
CA SER A 280 39.82 -14.59 50.82
C SER A 280 40.97 -13.84 50.16
N ASN A 281 40.73 -13.22 49.01
CA ASN A 281 41.80 -12.49 48.35
C ASN A 281 42.05 -11.12 48.97
N ILE A 282 41.13 -10.69 49.82
CA ILE A 282 41.31 -9.43 50.51
C ILE A 282 42.09 -9.72 51.80
N THR A 283 41.72 -10.80 52.48
CA THR A 283 42.42 -11.17 53.71
C THR A 283 43.82 -11.71 53.37
N ALA A 284 44.08 -11.87 52.07
CA ALA A 284 45.40 -12.30 51.61
C ALA A 284 46.24 -11.04 51.43
N GLY A 285 45.65 -9.89 51.74
CA GLY A 285 46.34 -8.62 51.60
C GLY A 285 47.19 -8.28 52.81
N ASN A 286 47.43 -6.98 53.03
CA ASN A 286 48.24 -6.55 54.15
C ASN A 286 47.44 -6.51 55.46
N THR A 287 48.13 -6.21 56.55
CA THR A 287 47.55 -6.14 57.88
C THR A 287 46.31 -5.26 57.95
N GLU A 288 46.41 -4.06 57.39
CA GLU A 288 45.30 -3.11 57.42
C GLU A 288 44.04 -3.63 56.74
N GLN A 289 44.20 -4.35 55.63
CA GLN A 289 43.05 -4.87 54.89
C GLN A 289 42.44 -6.05 55.63
N ILE A 290 43.26 -6.81 56.35
CA ILE A 290 42.73 -7.94 57.12
C ILE A 290 41.88 -7.33 58.23
N GLN A 291 42.36 -6.22 58.78
CA GLN A 291 41.65 -5.52 59.85
C GLN A 291 40.35 -4.92 59.32
N ALA A 292 40.40 -4.42 58.10
CA ALA A 292 39.22 -3.83 57.47
C ALA A 292 38.12 -4.88 57.39
N VAL A 293 38.49 -6.11 57.05
CA VAL A 293 37.55 -7.20 56.95
C VAL A 293 37.00 -7.50 58.34
N ILE A 294 37.88 -7.44 59.34
CA ILE A 294 37.46 -7.67 60.71
C ILE A 294 36.46 -6.59 61.15
N ASP A 295 36.78 -5.33 60.85
CA ASP A 295 35.92 -4.22 61.22
C ASP A 295 34.58 -4.27 60.48
N ALA A 296 34.59 -4.84 59.27
CA ALA A 296 33.38 -4.94 58.47
C ALA A 296 32.48 -6.09 58.98
N ASN A 297 32.85 -6.67 60.12
CA ASN A 297 32.08 -7.76 60.71
C ASN A 297 31.86 -8.94 59.76
N LEU A 298 32.85 -9.26 58.96
CA LEU A 298 32.73 -10.38 58.04
C LEU A 298 33.13 -11.71 58.66
N ILE A 299 33.92 -11.67 59.72
CA ILE A 299 34.37 -12.91 60.35
C ILE A 299 33.25 -13.80 60.90
N PRO A 300 32.35 -13.23 61.71
CA PRO A 300 31.26 -14.05 62.25
C PRO A 300 30.48 -14.82 61.18
N PRO A 301 29.92 -14.11 60.18
CA PRO A 301 29.17 -14.85 59.15
C PRO A 301 30.09 -15.80 58.37
N LEU A 302 31.38 -15.47 58.32
CA LEU A 302 32.34 -16.30 57.63
C LEU A 302 32.51 -17.60 58.41
N VAL A 303 32.55 -17.49 59.74
CA VAL A 303 32.69 -18.65 60.60
C VAL A 303 31.45 -19.54 60.48
N LYS A 304 30.30 -18.91 60.34
CA LYS A 304 29.04 -19.63 60.22
C LYS A 304 29.03 -20.50 58.96
N LEU A 305 29.46 -19.92 57.84
CA LEU A 305 29.51 -20.66 56.58
C LEU A 305 30.55 -21.76 56.67
N LEU A 306 31.63 -21.49 57.39
CA LEU A 306 32.69 -22.47 57.54
C LEU A 306 32.14 -23.73 58.20
N GLU A 307 31.15 -23.56 59.07
CA GLU A 307 30.58 -24.71 59.76
C GLU A 307 29.33 -25.33 59.16
N VAL A 308 28.50 -24.57 58.43
CA VAL A 308 27.29 -25.17 57.89
C VAL A 308 27.01 -25.03 56.39
N ALA A 309 27.84 -24.31 55.65
CA ALA A 309 27.61 -24.15 54.22
C ALA A 309 28.01 -25.39 53.41
N GLU A 310 27.60 -25.46 52.15
CA GLU A 310 27.98 -26.61 51.32
C GLU A 310 29.50 -26.58 51.21
N ASP A 311 30.10 -27.74 51.04
CA ASP A 311 31.55 -27.87 50.93
C ASP A 311 32.26 -26.83 50.08
N LYS A 312 31.83 -26.64 48.84
CA LYS A 312 32.48 -25.67 47.97
C LYS A 312 32.59 -24.32 48.65
N THR A 313 31.53 -23.91 49.32
CA THR A 313 31.53 -22.63 50.02
C THR A 313 32.44 -22.65 51.26
N LYS A 314 32.37 -23.74 52.03
CA LYS A 314 33.20 -23.87 53.22
C LYS A 314 34.66 -23.74 52.88
N LYS A 315 35.07 -24.33 51.77
CA LYS A 315 36.47 -24.28 51.35
C LYS A 315 36.89 -22.84 51.17
N GLU A 316 36.03 -22.06 50.53
CA GLU A 316 36.31 -20.66 50.27
C GLU A 316 36.38 -19.89 51.60
N ALA A 317 35.47 -20.20 52.53
CA ALA A 317 35.46 -19.54 53.83
C ALA A 317 36.76 -19.89 54.54
N CYS A 318 37.21 -21.11 54.34
CA CYS A 318 38.45 -21.57 54.96
C CYS A 318 39.63 -20.74 54.45
N TRP A 319 39.69 -20.53 53.15
CA TRP A 319 40.77 -19.73 52.59
C TRP A 319 40.78 -18.34 53.23
N ALA A 320 39.62 -17.70 53.31
CA ALA A 320 39.51 -16.37 53.89
C ALA A 320 40.06 -16.32 55.32
N ILE A 321 39.50 -17.16 56.19
CA ILE A 321 39.92 -17.22 57.59
C ILE A 321 41.39 -17.57 57.72
N SER A 322 41.85 -18.51 56.89
CA SER A 322 43.24 -18.93 56.92
C SER A 322 44.18 -17.81 56.49
N ASN A 323 43.87 -17.13 55.39
CA ASN A 323 44.73 -16.03 54.93
C ASN A 323 44.74 -14.97 56.01
N ALA A 324 43.59 -14.78 56.64
CA ALA A 324 43.47 -13.78 57.70
C ALA A 324 44.35 -14.14 58.88
N SER A 325 44.45 -15.43 59.19
CA SER A 325 45.27 -15.86 60.32
C SER A 325 46.74 -15.54 60.07
N SER A 326 47.16 -15.58 58.81
CA SER A 326 48.54 -15.28 58.48
C SER A 326 48.93 -13.86 58.93
N GLY A 327 47.95 -13.03 59.23
CA GLY A 327 48.22 -11.67 59.65
C GLY A 327 48.50 -11.55 61.14
N GLY A 328 48.21 -12.61 61.88
CA GLY A 328 48.45 -12.59 63.31
C GLY A 328 49.92 -12.45 63.69
N LEU A 329 50.80 -12.87 62.78
CA LEU A 329 52.24 -12.77 63.02
C LEU A 329 52.63 -11.31 63.14
N GLN A 330 51.94 -10.44 62.40
CA GLN A 330 52.22 -9.02 62.43
C GLN A 330 51.31 -8.33 63.47
N ARG A 331 50.17 -8.95 63.74
CA ARG A 331 49.21 -8.44 64.72
C ARG A 331 48.53 -9.60 65.43
N PRO A 332 49.10 -10.04 66.57
CA PRO A 332 48.52 -11.14 67.34
C PRO A 332 47.03 -11.02 67.62
N ASP A 333 46.56 -9.83 67.95
CA ASP A 333 45.13 -9.65 68.24
C ASP A 333 44.21 -10.15 67.13
N ILE A 334 44.72 -10.24 65.91
CA ILE A 334 43.89 -10.74 64.82
C ILE A 334 43.59 -12.20 65.14
N ILE A 335 44.58 -12.92 65.67
CA ILE A 335 44.40 -14.32 66.02
C ILE A 335 43.45 -14.40 67.23
N ARG A 336 43.64 -13.53 68.22
CA ARG A 336 42.78 -13.54 69.40
C ARG A 336 41.34 -13.34 68.94
N TYR A 337 41.16 -12.40 68.01
CA TYR A 337 39.83 -12.14 67.50
C TYR A 337 39.29 -13.36 66.77
N LEU A 338 40.06 -13.92 65.85
CA LEU A 338 39.59 -15.09 65.11
C LEU A 338 39.16 -16.21 66.04
N VAL A 339 39.96 -16.47 67.08
CA VAL A 339 39.62 -17.52 68.04
C VAL A 339 38.38 -17.17 68.85
N SER A 340 38.28 -15.91 69.27
CA SER A 340 37.13 -15.49 70.06
C SER A 340 35.84 -15.67 69.27
N GLN A 341 35.95 -15.63 67.94
CA GLN A 341 34.78 -15.78 67.09
C GLN A 341 34.47 -17.23 66.76
N GLY A 342 35.18 -18.15 67.41
CA GLY A 342 34.93 -19.57 67.20
C GLY A 342 35.41 -20.20 65.91
N CYS A 343 36.55 -19.76 65.39
CA CYS A 343 37.07 -20.34 64.14
C CYS A 343 37.71 -21.71 64.38
N ILE A 344 38.25 -21.94 65.57
CA ILE A 344 38.91 -23.21 65.86
C ILE A 344 38.10 -24.47 65.61
N LYS A 345 36.89 -24.54 66.17
CA LYS A 345 36.06 -25.72 66.01
C LYS A 345 35.77 -26.05 64.54
N PRO A 346 35.27 -25.07 63.76
CA PRO A 346 34.97 -25.30 62.34
C PRO A 346 36.22 -25.68 61.54
N LEU A 347 37.33 -25.02 61.83
CA LEU A 347 38.58 -25.31 61.14
C LEU A 347 38.99 -26.76 61.33
N CYS A 348 39.00 -27.21 62.58
CA CYS A 348 39.37 -28.59 62.88
C CYS A 348 38.45 -29.56 62.14
N ASP A 349 37.15 -29.37 62.31
CA ASP A 349 36.16 -30.22 61.64
C ASP A 349 36.43 -30.36 60.16
N LEU A 350 36.97 -29.30 59.55
CA LEU A 350 37.24 -29.30 58.13
C LEU A 350 38.43 -30.18 57.74
N LEU A 351 39.24 -30.54 58.73
CA LEU A 351 40.41 -31.38 58.49
C LEU A 351 40.02 -32.70 57.84
N GLU A 352 38.74 -33.06 57.93
CA GLU A 352 38.25 -34.31 57.35
C GLU A 352 37.60 -34.20 55.98
N ILE A 353 37.90 -33.12 55.27
CA ILE A 353 37.33 -32.92 53.94
C ILE A 353 38.15 -33.71 52.92
N ALA A 354 37.52 -34.10 51.81
CA ALA A 354 38.21 -34.86 50.76
C ALA A 354 38.88 -33.92 49.76
N ASP A 355 39.70 -33.03 50.27
CA ASP A 355 40.41 -32.05 49.45
C ASP A 355 41.72 -31.72 50.18
N ASN A 356 42.84 -32.20 49.67
CA ASN A 356 44.13 -31.95 50.32
C ASN A 356 44.54 -30.48 50.30
N ARG A 357 44.21 -29.77 49.24
CA ARG A 357 44.56 -28.35 49.16
C ARG A 357 43.95 -27.62 50.35
N ILE A 358 42.75 -28.03 50.73
CA ILE A 358 42.07 -27.41 51.86
C ILE A 358 42.63 -27.87 53.21
N ILE A 359 43.05 -29.12 53.28
CA ILE A 359 43.62 -29.63 54.52
C ILE A 359 44.89 -28.85 54.84
N GLU A 360 45.69 -28.58 53.82
CA GLU A 360 46.91 -27.80 53.95
C GLU A 360 46.55 -26.42 54.45
N VAL A 361 45.58 -25.80 53.78
CA VAL A 361 45.12 -24.47 54.14
C VAL A 361 44.63 -24.43 55.59
N THR A 362 43.94 -25.48 56.01
CA THR A 362 43.42 -25.53 57.37
C THR A 362 44.54 -25.76 58.37
N LEU A 363 45.48 -26.64 58.03
CA LEU A 363 46.59 -26.90 58.92
C LEU A 363 47.43 -25.65 59.12
N ASP A 364 47.58 -24.84 58.08
CA ASP A 364 48.36 -23.61 58.18
C ASP A 364 47.69 -22.64 59.15
N ALA A 365 46.36 -22.52 59.03
CA ALA A 365 45.59 -21.63 59.89
C ALA A 365 45.70 -22.09 61.34
N LEU A 366 45.52 -23.38 61.57
CA LEU A 366 45.59 -23.91 62.92
C LEU A 366 46.98 -23.70 63.50
N GLU A 367 48.00 -23.73 62.65
CA GLU A 367 49.36 -23.51 63.09
C GLU A 367 49.58 -22.03 63.40
N ASN A 368 48.96 -21.14 62.63
CA ASN A 368 49.10 -19.71 62.90
C ASN A 368 48.47 -19.42 64.24
N ILE A 369 47.41 -20.16 64.57
CA ILE A 369 46.72 -20.02 65.84
C ILE A 369 47.58 -20.64 66.95
N LEU A 370 48.22 -21.76 66.64
CA LEU A 370 49.08 -22.42 67.60
C LEU A 370 50.28 -21.54 67.93
N LYS A 371 50.92 -20.99 66.91
CA LYS A 371 52.07 -20.12 67.14
C LYS A 371 51.75 -18.94 68.04
N MET A 372 50.66 -18.23 67.75
CA MET A 372 50.26 -17.09 68.57
C MET A 372 50.04 -17.54 70.01
N GLY A 373 49.32 -18.64 70.17
CA GLY A 373 49.06 -19.15 71.51
C GLY A 373 50.35 -19.47 72.23
N GLU A 374 51.32 -19.99 71.47
CA GLU A 374 52.62 -20.34 72.02
C GLU A 374 53.37 -19.09 72.44
N ALA A 375 53.35 -18.08 71.56
CA ALA A 375 54.03 -16.82 71.83
C ALA A 375 53.44 -16.13 73.07
N ASP A 376 52.13 -16.23 73.23
CA ASP A 376 51.47 -15.61 74.38
C ASP A 376 51.98 -16.31 75.63
N LYS A 377 52.06 -17.64 75.58
CA LYS A 377 52.53 -18.42 76.71
C LYS A 377 53.97 -18.06 77.04
N GLU A 378 54.83 -18.05 76.03
CA GLU A 378 56.23 -17.71 76.22
C GLU A 378 56.31 -16.31 76.81
N ALA A 379 55.50 -15.41 76.26
CA ALA A 379 55.48 -14.02 76.70
C ALA A 379 55.17 -13.87 78.19
N ARG A 380 54.16 -14.58 78.68
CA ARG A 380 53.78 -14.46 80.08
C ARG A 380 53.93 -15.70 80.97
N GLY A 381 55.15 -16.22 81.04
CA GLY A 381 55.48 -17.38 81.86
C GLY A 381 54.54 -18.54 82.10
N LEU A 382 53.53 -18.74 81.25
CA LEU A 382 52.62 -19.86 81.44
C LEU A 382 53.28 -21.13 80.92
N ASN A 383 52.65 -22.27 81.13
CA ASN A 383 53.21 -23.54 80.67
C ASN A 383 52.21 -24.28 79.79
N ILE A 384 51.06 -23.65 79.55
CA ILE A 384 50.01 -24.22 78.73
C ILE A 384 49.65 -23.28 77.58
N ASN A 385 49.61 -23.81 76.37
CA ASN A 385 49.25 -23.01 75.20
C ASN A 385 47.73 -23.01 75.14
N GLU A 386 47.12 -21.88 75.47
CA GLU A 386 45.67 -21.78 75.45
C GLU A 386 45.01 -22.24 74.15
N ASN A 387 45.57 -21.84 73.01
CA ASN A 387 44.98 -22.24 71.75
C ASN A 387 45.19 -23.72 71.44
N ALA A 388 46.18 -24.33 72.06
CA ALA A 388 46.44 -25.75 71.85
C ALA A 388 45.38 -26.50 72.66
N ASP A 389 45.03 -25.96 73.81
CA ASP A 389 44.02 -26.58 74.66
C ASP A 389 42.67 -26.47 73.96
N PHE A 390 42.44 -25.36 73.27
CA PHE A 390 41.19 -25.16 72.53
C PHE A 390 41.07 -26.18 71.40
N ILE A 391 42.16 -26.37 70.67
CA ILE A 391 42.17 -27.31 69.55
C ILE A 391 41.90 -28.72 70.03
N GLU A 392 42.57 -29.13 71.10
CA GLU A 392 42.38 -30.46 71.66
C GLU A 392 40.95 -30.69 72.10
N LYS A 393 40.37 -29.68 72.77
CA LYS A 393 38.99 -29.80 73.24
C LYS A 393 38.01 -29.82 72.08
N ALA A 394 38.37 -29.18 70.97
CA ALA A 394 37.52 -29.14 69.79
C ALA A 394 37.65 -30.45 69.01
N GLY A 395 38.52 -31.32 69.50
CA GLY A 395 38.75 -32.60 68.84
C GLY A 395 39.71 -32.44 67.68
N GLY A 396 40.31 -31.25 67.59
CA GLY A 396 41.24 -30.97 66.52
C GLY A 396 42.56 -31.72 66.63
N MET A 397 43.04 -31.91 67.85
CA MET A 397 44.30 -32.62 68.06
C MET A 397 44.24 -33.99 67.40
N GLU A 398 43.19 -34.76 67.71
CA GLU A 398 43.01 -36.08 67.13
C GLU A 398 42.99 -36.02 65.61
N LYS A 399 42.25 -35.05 65.06
CA LYS A 399 42.18 -34.92 63.62
C LYS A 399 43.54 -34.53 63.02
N ILE A 400 44.23 -33.59 63.64
CA ILE A 400 45.55 -33.20 63.15
C ILE A 400 46.46 -34.42 63.19
N PHE A 401 46.47 -35.10 64.33
CA PHE A 401 47.30 -36.29 64.47
C PHE A 401 47.04 -37.26 63.31
N ASN A 402 45.77 -37.39 62.93
CA ASN A 402 45.41 -38.30 61.84
C ASN A 402 45.91 -37.86 60.46
N CYS A 403 46.06 -36.56 60.25
CA CYS A 403 46.54 -36.07 58.97
C CYS A 403 47.96 -36.55 58.71
N GLN A 404 48.61 -37.06 59.76
CA GLN A 404 49.97 -37.58 59.61
C GLN A 404 49.94 -38.88 58.81
N GLN A 405 48.75 -39.44 58.64
CA GLN A 405 48.61 -40.68 57.89
C GLN A 405 48.27 -40.42 56.44
N ASN A 406 48.22 -39.14 56.07
CA ASN A 406 47.90 -38.73 54.70
C ASN A 406 49.03 -39.12 53.75
N GLU A 407 48.66 -39.69 52.61
CA GLU A 407 49.65 -40.11 51.61
C GLU A 407 50.40 -38.91 51.05
N ASN A 408 49.83 -37.73 51.21
CA ASN A 408 50.45 -36.50 50.74
C ASN A 408 51.58 -36.15 51.70
N ASP A 409 52.78 -35.96 51.17
CA ASP A 409 53.94 -35.64 52.00
C ASP A 409 53.81 -34.28 52.69
N LYS A 410 53.37 -33.28 51.93
CA LYS A 410 53.21 -31.94 52.48
C LYS A 410 52.27 -31.96 53.67
N ILE A 411 51.15 -32.67 53.53
CA ILE A 411 50.19 -32.76 54.62
C ILE A 411 50.89 -33.41 55.81
N TYR A 412 51.50 -34.56 55.56
CA TYR A 412 52.23 -35.31 56.57
C TYR A 412 53.21 -34.42 57.31
N GLU A 413 54.05 -33.72 56.56
CA GLU A 413 55.05 -32.84 57.13
C GLU A 413 54.42 -31.78 58.04
N LYS A 414 53.31 -31.20 57.59
CA LYS A 414 52.64 -30.17 58.38
C LYS A 414 52.10 -30.74 59.69
N ALA A 415 51.29 -31.80 59.58
CA ALA A 415 50.69 -32.42 60.75
C ALA A 415 51.73 -32.84 61.78
N TYR A 416 52.77 -33.52 61.31
CA TYR A 416 53.85 -33.99 62.17
C TYR A 416 54.44 -32.86 63.01
N LYS A 417 54.87 -31.80 62.33
CA LYS A 417 55.46 -30.65 63.03
C LYS A 417 54.48 -30.08 64.05
N ILE A 418 53.22 -29.94 63.67
CA ILE A 418 52.22 -29.41 64.60
C ILE A 418 52.12 -30.29 65.84
N ILE A 419 52.03 -31.59 65.64
CA ILE A 419 51.92 -32.52 66.76
C ILE A 419 53.14 -32.46 67.68
N GLU A 420 54.33 -32.60 67.10
CA GLU A 420 55.56 -32.60 67.88
C GLU A 420 55.88 -31.24 68.50
N THR A 421 55.37 -30.17 67.89
CA THR A 421 55.65 -28.83 68.40
C THR A 421 54.67 -28.37 69.47
N TYR A 422 53.38 -28.58 69.26
CA TYR A 422 52.40 -28.12 70.24
C TYR A 422 51.69 -29.19 71.04
N PHE A 423 51.78 -30.44 70.59
CA PHE A 423 51.13 -31.52 71.30
C PHE A 423 52.12 -32.65 71.59
N PRO B 1 28.44 -16.97 30.45
CA PRO B 1 27.33 -17.56 29.70
C PRO B 1 27.82 -18.24 28.42
N ALA B 2 26.89 -18.81 27.67
CA ALA B 2 27.21 -19.50 26.43
C ALA B 2 28.02 -18.60 25.50
N ALA B 3 29.04 -19.18 24.87
CA ALA B 3 29.88 -18.44 23.95
C ALA B 3 29.17 -18.21 22.62
N LYS B 4 28.30 -19.14 22.25
CA LYS B 4 27.56 -19.04 21.01
C LYS B 4 26.05 -18.96 21.18
N ARG B 5 25.40 -18.32 20.22
CA ARG B 5 23.95 -18.16 20.26
C ARG B 5 23.37 -18.33 18.87
N VAL B 6 22.41 -19.24 18.73
CA VAL B 6 21.75 -19.44 17.46
C VAL B 6 20.80 -18.25 17.36
N LYS B 7 20.72 -17.64 16.19
CA LYS B 7 19.85 -16.48 16.01
C LYS B 7 18.50 -16.90 15.43
N LEU B 8 17.44 -16.73 16.21
CA LEU B 8 16.09 -17.12 15.79
C LEU B 8 15.14 -15.93 15.63
N ASP B 9 15.47 -14.83 16.29
CA ASP B 9 14.69 -13.59 16.29
C ASP B 9 13.53 -13.55 17.26
N LYS C 4 46.75 -14.72 47.04
CA LYS C 4 45.90 -14.30 45.93
C LYS C 4 45.67 -15.48 44.99
N ARG C 5 44.42 -15.92 44.88
CA ARG C 5 44.09 -17.04 43.99
C ARG C 5 43.22 -16.59 42.82
N VAL C 6 43.72 -16.80 41.60
CA VAL C 6 42.99 -16.41 40.40
C VAL C 6 42.21 -17.59 39.80
N LYS C 7 41.24 -17.28 38.96
CA LYS C 7 40.42 -18.30 38.30
C LYS C 7 41.25 -18.99 37.20
N LEU C 8 40.81 -20.16 36.76
CA LEU C 8 41.51 -20.91 35.73
C LEU C 8 41.38 -20.23 34.36
N GLN D 1 -56.17 -3.56 -70.31
CA GLN D 1 -55.33 -2.45 -69.85
C GLN D 1 -55.29 -1.34 -70.88
N GLU D 2 -55.16 -0.11 -70.40
CA GLU D 2 -55.10 1.06 -71.26
C GLU D 2 -53.64 1.49 -71.46
N LEU D 3 -52.72 0.82 -70.76
CA LEU D 3 -51.29 1.12 -70.86
C LEU D 3 -50.71 1.14 -72.27
N PRO D 4 -51.02 0.12 -73.08
CA PRO D 4 -50.50 0.06 -74.45
C PRO D 4 -50.89 1.31 -75.26
N GLN D 5 -52.16 1.66 -75.22
CA GLN D 5 -52.64 2.82 -75.94
C GLN D 5 -52.05 4.10 -75.36
N MET D 6 -52.01 4.19 -74.04
CA MET D 6 -51.44 5.34 -73.35
C MET D 6 -50.02 5.65 -73.78
N THR D 7 -49.19 4.62 -73.83
CA THR D 7 -47.80 4.78 -74.24
C THR D 7 -47.70 5.30 -75.67
N GLN D 8 -48.56 4.77 -76.53
CA GLN D 8 -48.59 5.17 -77.94
C GLN D 8 -49.06 6.62 -78.04
N GLN D 9 -50.11 6.93 -77.29
CA GLN D 9 -50.70 8.27 -77.28
C GLN D 9 -49.69 9.30 -76.79
N LEU D 10 -48.90 8.92 -75.80
CA LEU D 10 -47.91 9.81 -75.21
C LEU D 10 -46.82 10.21 -76.21
N ASN D 11 -46.49 9.30 -77.11
CA ASN D 11 -45.46 9.54 -78.11
C ASN D 11 -46.02 10.12 -79.41
N SER D 12 -47.28 10.50 -79.39
CA SER D 12 -47.95 11.08 -80.55
C SER D 12 -47.55 12.55 -80.70
N ASP D 13 -47.55 13.04 -81.93
CA ASP D 13 -47.21 14.44 -82.17
C ASP D 13 -48.42 15.30 -81.86
N ASP D 14 -49.55 14.65 -81.60
CA ASP D 14 -50.79 15.34 -81.30
C ASP D 14 -50.86 15.82 -79.86
N MET D 15 -50.89 17.13 -79.69
CA MET D 15 -50.93 17.78 -78.39
C MET D 15 -52.01 17.25 -77.46
N GLN D 16 -53.24 17.08 -77.98
CA GLN D 16 -54.34 16.58 -77.16
C GLN D 16 -54.13 15.15 -76.68
N GLU D 17 -53.57 14.31 -77.54
CA GLU D 17 -53.32 12.92 -77.20
C GLU D 17 -52.22 12.82 -76.15
N GLN D 18 -51.22 13.70 -76.27
CA GLN D 18 -50.11 13.71 -75.32
C GLN D 18 -50.64 14.06 -73.94
N LEU D 19 -51.49 15.08 -73.88
CA LEU D 19 -52.05 15.52 -72.61
C LEU D 19 -52.92 14.44 -72.00
N SER D 20 -53.83 13.89 -72.79
CA SER D 20 -54.71 12.83 -72.31
C SER D 20 -53.88 11.70 -71.73
N ALA D 21 -52.87 11.28 -72.49
CA ALA D 21 -51.98 10.21 -72.06
C ALA D 21 -51.20 10.58 -70.80
N THR D 22 -50.70 11.80 -70.74
CA THR D 22 -49.94 12.25 -69.57
C THR D 22 -50.81 12.23 -68.31
N VAL D 23 -52.07 12.64 -68.46
CA VAL D 23 -53.01 12.65 -67.35
C VAL D 23 -53.28 11.22 -66.86
N LYS D 24 -53.44 10.28 -67.78
CA LYS D 24 -53.69 8.91 -67.37
C LYS D 24 -52.49 8.31 -66.64
N PHE D 25 -51.27 8.64 -67.07
CA PHE D 25 -50.09 8.14 -66.36
C PHE D 25 -50.06 8.74 -64.96
N ARG D 26 -50.41 10.01 -64.86
CA ARG D 26 -50.43 10.70 -63.58
C ARG D 26 -51.44 10.00 -62.67
N GLN D 27 -52.62 9.71 -63.23
CA GLN D 27 -53.70 9.07 -62.49
C GLN D 27 -53.39 7.67 -61.98
N ILE D 28 -52.82 6.81 -62.81
CA ILE D 28 -52.53 5.45 -62.35
C ILE D 28 -51.40 5.42 -61.34
N LEU D 29 -50.58 6.46 -61.32
CA LEU D 29 -49.47 6.54 -60.37
C LEU D 29 -49.90 7.16 -59.04
N SER D 30 -51.11 7.72 -59.00
CA SER D 30 -51.60 8.35 -57.79
C SER D 30 -52.25 7.38 -56.81
N ARG D 31 -51.42 6.57 -56.17
CA ARG D 31 -51.88 5.59 -55.21
C ARG D 31 -50.78 5.44 -54.16
N GLU D 32 -51.16 5.58 -52.90
CA GLU D 32 -50.20 5.48 -51.81
C GLU D 32 -49.69 4.06 -51.59
N HIS D 33 -50.57 3.08 -51.78
CA HIS D 33 -50.16 1.69 -51.58
C HIS D 33 -49.84 0.98 -52.89
N ARG D 34 -48.61 0.51 -52.99
CA ARG D 34 -48.10 -0.19 -54.16
C ARG D 34 -48.44 0.41 -55.52
N PRO D 35 -48.09 1.69 -55.74
CA PRO D 35 -48.37 2.32 -57.03
C PRO D 35 -47.57 1.63 -58.13
N PRO D 36 -48.17 1.47 -59.33
CA PRO D 36 -47.54 0.81 -60.48
C PRO D 36 -46.35 1.59 -61.07
N ILE D 37 -45.35 1.89 -60.25
CA ILE D 37 -44.20 2.63 -60.73
C ILE D 37 -43.33 1.85 -61.74
N ASP D 38 -43.02 0.59 -61.47
CA ASP D 38 -42.19 -0.15 -62.42
C ASP D 38 -42.86 -0.37 -63.78
N VAL D 39 -44.18 -0.57 -63.79
CA VAL D 39 -44.86 -0.78 -65.05
C VAL D 39 -44.79 0.48 -65.92
N VAL D 40 -44.86 1.65 -65.30
CA VAL D 40 -44.76 2.91 -66.04
C VAL D 40 -43.34 3.11 -66.53
N ILE D 41 -42.36 2.83 -65.68
CA ILE D 41 -40.95 2.94 -66.06
C ILE D 41 -40.66 2.01 -67.23
N GLN D 42 -41.13 0.78 -67.12
CA GLN D 42 -40.96 -0.25 -68.14
C GLN D 42 -41.61 0.11 -69.48
N ALA D 43 -42.66 0.93 -69.43
CA ALA D 43 -43.32 1.35 -70.65
C ALA D 43 -42.34 2.30 -71.35
N GLY D 44 -41.28 2.66 -70.63
CA GLY D 44 -40.23 3.53 -71.14
C GLY D 44 -40.60 4.98 -71.40
N VAL D 45 -41.65 5.46 -70.75
CA VAL D 45 -42.10 6.83 -70.96
C VAL D 45 -41.44 7.91 -70.09
N VAL D 46 -40.54 7.54 -69.19
CA VAL D 46 -39.92 8.56 -68.32
C VAL D 46 -39.23 9.67 -69.12
N PRO D 47 -38.35 9.31 -70.08
CA PRO D 47 -37.67 10.34 -70.86
C PRO D 47 -38.68 11.26 -71.57
N ARG D 48 -39.78 10.68 -72.05
CA ARG D 48 -40.82 11.44 -72.72
C ARG D 48 -41.50 12.41 -71.76
N LEU D 49 -41.75 11.96 -70.54
CA LEU D 49 -42.37 12.81 -69.52
C LEU D 49 -41.45 13.97 -69.16
N VAL D 50 -40.15 13.71 -69.05
CA VAL D 50 -39.19 14.75 -68.72
C VAL D 50 -39.21 15.78 -69.84
N GLU D 51 -39.34 15.25 -71.06
CA GLU D 51 -39.42 16.04 -72.27
C GLU D 51 -40.58 17.03 -72.17
N PHE D 52 -41.68 16.59 -71.58
CA PHE D 52 -42.84 17.45 -71.44
C PHE D 52 -42.69 18.57 -70.41
N MET D 53 -41.59 18.55 -69.66
CA MET D 53 -41.34 19.59 -68.66
C MET D 53 -40.52 20.73 -69.23
N ARG D 54 -40.11 20.59 -70.48
CA ARG D 54 -39.32 21.63 -71.13
C ARG D 54 -40.01 22.98 -71.06
N GLU D 55 -39.20 24.03 -70.99
CA GLU D 55 -39.67 25.41 -70.88
C GLU D 55 -40.84 25.84 -71.77
N ASN D 56 -40.81 25.50 -73.06
CA ASN D 56 -41.87 25.92 -73.97
C ASN D 56 -43.05 24.96 -74.15
N GLN D 57 -43.09 23.89 -73.37
CA GLN D 57 -44.19 22.92 -73.49
C GLN D 57 -45.47 23.50 -72.92
N PRO D 58 -46.63 23.00 -73.39
CA PRO D 58 -47.91 23.52 -72.87
C PRO D 58 -47.91 23.39 -71.34
N GLU D 59 -48.52 24.36 -70.68
CA GLU D 59 -48.58 24.39 -69.22
C GLU D 59 -49.18 23.15 -68.57
N MET D 60 -50.34 22.71 -69.06
CA MET D 60 -50.99 21.52 -68.50
C MET D 60 -50.12 20.29 -68.67
N LEU D 61 -49.40 20.26 -69.77
CA LEU D 61 -48.52 19.14 -70.07
C LEU D 61 -47.35 19.13 -69.08
N GLN D 62 -46.82 20.32 -68.78
CA GLN D 62 -45.73 20.44 -67.81
C GLN D 62 -46.26 19.99 -66.46
N LEU D 63 -47.43 20.51 -66.11
CA LEU D 63 -48.07 20.21 -64.83
C LEU D 63 -48.25 18.70 -64.65
N GLU D 64 -49.00 18.07 -65.55
CA GLU D 64 -49.26 16.64 -65.45
C GLU D 64 -48.02 15.74 -65.54
N ALA D 65 -47.04 16.14 -66.35
CA ALA D 65 -45.84 15.35 -66.50
C ALA D 65 -44.98 15.40 -65.24
N ALA D 66 -44.89 16.57 -64.62
CA ALA D 66 -44.11 16.72 -63.40
C ALA D 66 -44.80 15.99 -62.25
N TRP D 67 -46.13 16.00 -62.26
CA TRP D 67 -46.89 15.33 -61.22
C TRP D 67 -46.59 13.82 -61.33
N ALA D 68 -46.69 13.30 -62.55
CA ALA D 68 -46.40 11.90 -62.80
C ALA D 68 -45.00 11.54 -62.32
N LEU D 69 -44.01 12.33 -62.74
CA LEU D 69 -42.63 12.07 -62.33
C LEU D 69 -42.50 12.17 -60.81
N THR D 70 -43.19 13.13 -60.22
CA THR D 70 -43.17 13.30 -58.78
C THR D 70 -43.47 11.98 -58.07
N ASN D 71 -44.49 11.27 -58.56
CA ASN D 71 -44.88 10.01 -57.97
C ASN D 71 -44.00 8.84 -58.34
N ILE D 72 -43.24 8.97 -59.41
CA ILE D 72 -42.33 7.90 -59.78
C ILE D 72 -41.16 8.07 -58.81
N ALA D 73 -40.83 9.31 -58.50
CA ALA D 73 -39.73 9.63 -57.58
C ALA D 73 -40.12 9.38 -56.13
N SER D 74 -41.38 9.04 -55.89
CA SER D 74 -41.83 8.78 -54.52
C SER D 74 -41.59 7.31 -54.21
N GLY D 75 -41.05 6.58 -55.17
CA GLY D 75 -40.79 5.16 -54.97
C GLY D 75 -39.40 4.87 -54.44
N THR D 76 -38.86 3.74 -54.88
CA THR D 76 -37.53 3.29 -54.46
C THR D 76 -36.39 4.08 -55.09
N SER D 77 -35.19 3.88 -54.57
CA SER D 77 -34.00 4.56 -55.08
C SER D 77 -33.74 4.16 -56.53
N ALA D 78 -34.07 2.92 -56.85
CA ALA D 78 -33.88 2.41 -58.21
C ALA D 78 -34.85 3.12 -59.16
N GLN D 79 -36.09 3.29 -58.70
CA GLN D 79 -37.11 3.94 -59.51
C GLN D 79 -36.81 5.44 -59.59
N THR D 80 -36.30 6.02 -58.52
CA THR D 80 -35.98 7.43 -58.48
C THR D 80 -34.79 7.67 -59.42
N LYS D 81 -33.90 6.70 -59.45
CA LYS D 81 -32.72 6.75 -60.30
C LYS D 81 -33.12 6.97 -61.76
N VAL D 82 -34.18 6.29 -62.19
CA VAL D 82 -34.66 6.41 -63.56
C VAL D 82 -35.03 7.88 -63.86
N VAL D 83 -35.67 8.54 -62.90
CA VAL D 83 -36.06 9.94 -63.08
C VAL D 83 -34.82 10.84 -63.12
N VAL D 84 -33.87 10.56 -62.23
CA VAL D 84 -32.65 11.35 -62.15
C VAL D 84 -31.76 11.18 -63.39
N ASP D 85 -31.60 9.95 -63.87
CA ASP D 85 -30.75 9.73 -65.04
C ASP D 85 -31.35 10.35 -66.31
N ALA D 86 -32.66 10.55 -66.31
CA ALA D 86 -33.33 11.14 -67.46
C ALA D 86 -33.21 12.66 -67.46
N ASP D 87 -32.36 13.16 -66.57
CA ASP D 87 -32.08 14.59 -66.42
C ASP D 87 -33.29 15.43 -66.02
N ALA D 88 -34.18 14.87 -65.20
CA ALA D 88 -35.37 15.59 -64.76
C ALA D 88 -35.10 16.67 -63.72
N VAL D 89 -34.10 16.46 -62.87
CA VAL D 89 -33.79 17.42 -61.81
C VAL D 89 -33.56 18.83 -62.32
N PRO D 90 -32.61 19.02 -63.24
CA PRO D 90 -32.38 20.37 -63.74
C PRO D 90 -33.68 21.01 -64.23
N LEU D 91 -34.55 20.21 -64.85
CA LEU D 91 -35.83 20.70 -65.35
C LEU D 91 -36.82 21.04 -64.23
N PHE D 92 -36.82 20.23 -63.17
CA PHE D 92 -37.72 20.50 -62.04
C PHE D 92 -37.34 21.85 -61.48
N ILE D 93 -36.03 22.07 -61.33
CA ILE D 93 -35.52 23.31 -60.78
C ILE D 93 -35.85 24.54 -61.62
N GLN D 94 -35.72 24.42 -62.94
CA GLN D 94 -36.03 25.56 -63.80
C GLN D 94 -37.52 25.87 -63.74
N LEU D 95 -38.35 24.85 -63.57
CA LEU D 95 -39.78 25.06 -63.46
C LEU D 95 -40.09 25.89 -62.21
N LEU D 96 -39.24 25.75 -61.19
CA LEU D 96 -39.45 26.52 -59.98
C LEU D 96 -39.30 28.00 -60.29
N TYR D 97 -38.51 28.31 -61.32
CA TYR D 97 -38.33 29.71 -61.73
C TYR D 97 -39.41 30.18 -62.70
N THR D 98 -39.61 29.40 -63.76
CA THR D 98 -40.52 29.76 -64.84
C THR D 98 -41.94 29.20 -64.80
N GLY D 99 -42.15 28.12 -64.07
CA GLY D 99 -43.47 27.52 -64.03
C GLY D 99 -44.57 28.37 -63.43
N SER D 100 -45.81 28.04 -63.77
CA SER D 100 -46.95 28.74 -63.22
C SER D 100 -47.03 28.20 -61.78
N VAL D 101 -47.78 28.87 -60.92
CA VAL D 101 -47.88 28.43 -59.53
C VAL D 101 -48.22 26.94 -59.43
N GLU D 102 -49.20 26.47 -60.20
CA GLU D 102 -49.58 25.07 -60.15
C GLU D 102 -48.46 24.15 -60.61
N VAL D 103 -47.67 24.60 -61.57
CA VAL D 103 -46.55 23.81 -62.07
C VAL D 103 -45.48 23.74 -60.99
N LYS D 104 -45.23 24.86 -60.31
CA LYS D 104 -44.23 24.89 -59.25
C LYS D 104 -44.60 23.94 -58.12
N GLU D 105 -45.90 23.84 -57.82
CA GLU D 105 -46.36 22.96 -56.77
C GLU D 105 -46.00 21.50 -57.07
N GLN D 106 -45.98 21.14 -58.35
CA GLN D 106 -45.61 19.79 -58.76
C GLN D 106 -44.09 19.61 -58.64
N ALA D 107 -43.35 20.54 -59.22
CA ALA D 107 -41.89 20.50 -59.23
C ALA D 107 -41.19 20.47 -57.87
N ILE D 108 -41.65 21.30 -56.93
CA ILE D 108 -41.05 21.34 -55.60
C ILE D 108 -41.30 20.02 -54.88
N TRP D 109 -42.44 19.40 -55.18
CA TRP D 109 -42.81 18.13 -54.58
C TRP D 109 -41.90 17.03 -55.15
N ALA D 110 -41.69 17.05 -56.47
CA ALA D 110 -40.82 16.06 -57.10
C ALA D 110 -39.43 16.19 -56.50
N LEU D 111 -38.98 17.43 -56.32
CA LEU D 111 -37.67 17.70 -55.74
C LEU D 111 -37.60 17.20 -54.30
N GLY D 112 -38.74 17.25 -53.62
CA GLY D 112 -38.80 16.78 -52.25
C GLY D 112 -38.58 15.28 -52.16
N ASN D 113 -39.15 14.54 -53.10
CA ASN D 113 -38.97 13.09 -53.12
C ASN D 113 -37.59 12.71 -53.61
N VAL D 114 -37.05 13.46 -54.56
CA VAL D 114 -35.71 13.15 -55.06
C VAL D 114 -34.70 13.40 -53.95
N ALA D 115 -34.77 14.58 -53.32
CA ALA D 115 -33.85 14.92 -52.24
C ALA D 115 -33.96 13.95 -51.07
N GLY D 116 -35.19 13.53 -50.78
CA GLY D 116 -35.41 12.62 -49.68
C GLY D 116 -35.07 11.18 -49.94
N ASP D 117 -34.60 10.87 -51.14
CA ASP D 117 -34.27 9.49 -51.50
C ASP D 117 -33.00 8.98 -50.83
N SER D 118 -31.96 9.80 -50.84
CA SER D 118 -30.67 9.42 -50.26
C SER D 118 -29.75 10.63 -50.18
N THR D 119 -28.64 10.49 -49.45
CA THR D 119 -27.69 11.59 -49.32
C THR D 119 -27.13 11.96 -50.69
N ASP D 120 -26.95 10.98 -51.56
CA ASP D 120 -26.44 11.27 -52.91
C ASP D 120 -27.40 12.16 -53.68
N TYR D 121 -28.65 11.75 -53.77
CA TYR D 121 -29.66 12.53 -54.49
C TYR D 121 -29.93 13.84 -53.78
N ARG D 122 -29.76 13.85 -52.45
CA ARG D 122 -29.94 15.07 -51.69
C ARG D 122 -28.84 16.03 -52.17
N ASP D 123 -27.60 15.58 -52.13
CA ASP D 123 -26.49 16.42 -52.56
C ASP D 123 -26.57 16.79 -54.04
N TYR D 124 -27.02 15.85 -54.86
CA TYR D 124 -27.16 16.11 -56.29
C TYR D 124 -28.08 17.30 -56.53
N VAL D 125 -29.20 17.35 -55.82
CA VAL D 125 -30.14 18.44 -55.98
C VAL D 125 -29.52 19.76 -55.51
N LEU D 126 -28.72 19.68 -54.45
CA LEU D 126 -28.06 20.88 -53.95
C LEU D 126 -27.02 21.32 -54.98
N GLN D 127 -26.36 20.36 -55.62
CA GLN D 127 -25.35 20.66 -56.63
C GLN D 127 -25.97 21.26 -57.89
N CYS D 128 -27.24 20.97 -58.12
CA CYS D 128 -27.93 21.53 -59.28
C CYS D 128 -28.44 22.91 -58.92
N ASN D 129 -27.98 23.41 -57.78
CA ASN D 129 -28.34 24.74 -57.31
C ASN D 129 -29.84 24.94 -57.11
N ALA D 130 -30.48 23.98 -56.48
CA ALA D 130 -31.91 24.07 -56.23
C ALA D 130 -32.25 25.00 -55.07
N MET D 131 -31.28 25.28 -54.21
CA MET D 131 -31.52 26.13 -53.04
C MET D 131 -32.06 27.52 -53.34
N GLU D 132 -31.46 28.20 -54.31
CA GLU D 132 -31.92 29.54 -54.66
C GLU D 132 -33.41 29.56 -55.03
N PRO D 133 -33.80 28.83 -56.08
CA PRO D 133 -35.22 28.83 -56.47
C PRO D 133 -36.14 28.34 -55.37
N ILE D 134 -35.68 27.42 -54.54
CA ILE D 134 -36.51 26.91 -53.46
C ILE D 134 -36.78 27.96 -52.39
N LEU D 135 -35.74 28.68 -51.99
CA LEU D 135 -35.92 29.70 -50.97
C LEU D 135 -36.84 30.80 -51.50
N GLY D 136 -36.80 31.01 -52.81
CA GLY D 136 -37.64 32.02 -53.41
C GLY D 136 -39.12 31.69 -53.28
N LEU D 137 -39.43 30.40 -53.17
CA LEU D 137 -40.82 29.96 -53.03
C LEU D 137 -41.51 30.45 -51.76
N PHE D 138 -40.72 30.75 -50.72
CA PHE D 138 -41.32 31.20 -49.47
C PHE D 138 -41.81 32.63 -49.50
N ASN D 139 -41.65 33.29 -50.64
CA ASN D 139 -42.11 34.66 -50.79
C ASN D 139 -43.36 34.63 -51.66
N SER D 140 -43.80 33.42 -52.02
CA SER D 140 -44.95 33.23 -52.90
C SER D 140 -46.30 33.66 -52.34
N ASN D 141 -46.48 33.60 -51.03
CA ASN D 141 -47.76 33.96 -50.41
C ASN D 141 -48.81 32.90 -50.67
N LYS D 142 -48.37 31.68 -50.93
CA LYS D 142 -49.29 30.58 -51.15
C LYS D 142 -48.91 29.42 -50.23
N PRO D 143 -49.72 29.20 -49.19
CA PRO D 143 -49.50 28.15 -48.20
C PRO D 143 -49.29 26.73 -48.74
N SER D 144 -50.10 26.29 -49.68
CA SER D 144 -49.92 24.94 -50.19
C SER D 144 -48.51 24.76 -50.76
N LEU D 145 -48.05 25.75 -51.52
CA LEU D 145 -46.73 25.70 -52.11
C LEU D 145 -45.67 25.71 -51.02
N ILE D 146 -45.82 26.63 -50.07
CA ILE D 146 -44.88 26.75 -48.96
C ILE D 146 -44.81 25.47 -48.12
N ARG D 147 -45.93 24.80 -47.90
CA ARG D 147 -45.93 23.55 -47.13
C ARG D 147 -45.00 22.52 -47.77
N THR D 148 -45.18 22.30 -49.07
CA THR D 148 -44.34 21.34 -49.77
C THR D 148 -42.90 21.81 -49.77
N ALA D 149 -42.70 23.10 -49.99
CA ALA D 149 -41.36 23.69 -50.02
C ALA D 149 -40.62 23.48 -48.71
N THR D 150 -41.33 23.65 -47.60
CA THR D 150 -40.75 23.49 -46.27
C THR D 150 -40.28 22.04 -46.09
N TRP D 151 -41.10 21.11 -46.56
CA TRP D 151 -40.77 19.70 -46.48
C TRP D 151 -39.55 19.39 -47.35
N THR D 152 -39.57 19.84 -48.60
CA THR D 152 -38.44 19.60 -49.51
C THR D 152 -37.17 20.18 -48.92
N LEU D 153 -37.28 21.41 -48.39
CA LEU D 153 -36.14 22.08 -47.78
C LEU D 153 -35.62 21.20 -46.63
N SER D 154 -36.55 20.56 -45.93
CA SER D 154 -36.21 19.70 -44.80
C SER D 154 -35.41 18.48 -45.24
N ASN D 155 -35.74 17.93 -46.41
CA ASN D 155 -34.99 16.78 -46.90
C ASN D 155 -33.60 17.21 -47.37
N LEU D 156 -33.45 18.47 -47.75
CA LEU D 156 -32.14 18.95 -48.19
C LEU D 156 -31.20 19.12 -47.00
N CYS D 157 -31.76 19.39 -45.83
CA CYS D 157 -30.97 19.58 -44.62
C CYS D 157 -30.74 18.26 -43.88
N ARG D 158 -31.60 17.28 -44.13
CA ARG D 158 -31.54 15.99 -43.45
C ARG D 158 -30.38 15.09 -43.87
N GLY D 159 -29.89 14.30 -42.92
CA GLY D 159 -28.79 13.39 -43.19
C GLY D 159 -27.52 13.80 -42.47
N LYS D 160 -26.95 12.87 -41.71
CA LYS D 160 -25.73 13.16 -40.96
C LYS D 160 -24.49 12.47 -41.52
N LYS D 161 -24.67 11.53 -42.43
CA LYS D 161 -23.53 10.82 -43.01
C LYS D 161 -23.64 10.54 -44.49
N PRO D 162 -23.18 11.47 -45.34
CA PRO D 162 -22.57 12.79 -45.23
C PRO D 162 -23.53 13.91 -44.83
N GLN D 163 -22.99 14.93 -44.16
CA GLN D 163 -23.75 16.09 -43.77
C GLN D 163 -23.96 16.84 -45.09
N PRO D 164 -25.05 17.61 -45.21
CA PRO D 164 -25.23 18.34 -46.47
C PRO D 164 -24.18 19.44 -46.53
N ASP D 165 -23.83 19.89 -47.72
CA ASP D 165 -22.85 20.96 -47.84
C ASP D 165 -23.37 22.17 -47.04
N TRP D 166 -22.75 22.41 -45.90
CA TRP D 166 -23.14 23.49 -45.01
C TRP D 166 -23.18 24.85 -45.68
N SER D 167 -22.22 25.13 -46.55
CA SER D 167 -22.17 26.41 -47.25
C SER D 167 -23.45 26.64 -48.05
N VAL D 168 -24.18 25.57 -48.33
CA VAL D 168 -25.42 25.69 -49.08
C VAL D 168 -26.68 25.67 -48.21
N VAL D 169 -26.83 24.66 -47.37
CA VAL D 169 -28.01 24.58 -46.52
C VAL D 169 -28.07 25.67 -45.46
N SER D 170 -26.92 26.19 -45.06
CA SER D 170 -26.92 27.24 -44.04
C SER D 170 -27.61 28.49 -44.60
N GLN D 171 -27.71 28.57 -45.91
CA GLN D 171 -28.35 29.70 -46.57
C GLN D 171 -29.84 29.74 -46.26
N ALA D 172 -30.38 28.64 -45.78
CA ALA D 172 -31.80 28.57 -45.46
C ALA D 172 -32.14 28.97 -44.03
N LEU D 173 -31.13 29.20 -43.19
CA LEU D 173 -31.41 29.57 -41.80
C LEU D 173 -32.33 30.78 -41.62
N PRO D 174 -32.06 31.89 -42.32
CA PRO D 174 -32.93 33.06 -42.16
C PRO D 174 -34.37 32.68 -42.49
N THR D 175 -34.56 31.96 -43.59
CA THR D 175 -35.90 31.55 -43.99
C THR D 175 -36.55 30.70 -42.91
N LEU D 176 -35.80 29.74 -42.37
CA LEU D 176 -36.30 28.85 -41.32
C LEU D 176 -36.61 29.58 -40.02
N ALA D 177 -35.82 30.60 -39.70
CA ALA D 177 -36.04 31.37 -38.48
C ALA D 177 -37.38 32.11 -38.56
N LYS D 178 -37.83 32.41 -39.76
CA LYS D 178 -39.11 33.09 -39.96
C LYS D 178 -40.27 32.10 -39.97
N LEU D 179 -40.06 30.96 -40.65
CA LEU D 179 -41.09 29.94 -40.73
C LEU D 179 -41.57 29.39 -39.40
N ILE D 180 -40.71 29.36 -38.39
CA ILE D 180 -41.17 28.82 -37.12
C ILE D 180 -42.12 29.74 -36.39
N TYR D 181 -42.44 30.86 -37.03
CA TYR D 181 -43.41 31.80 -36.49
C TYR D 181 -44.69 31.64 -37.33
N SER D 182 -44.66 30.71 -38.29
CA SER D 182 -45.83 30.46 -39.12
C SER D 182 -46.96 29.92 -38.26
N MET D 183 -48.20 30.19 -38.65
CA MET D 183 -49.34 29.71 -37.89
C MET D 183 -49.82 28.37 -38.47
N ASP D 184 -49.35 28.07 -39.67
CA ASP D 184 -49.70 26.83 -40.35
C ASP D 184 -48.95 25.68 -39.70
N THR D 185 -49.67 24.86 -38.93
CA THR D 185 -49.08 23.74 -38.24
C THR D 185 -48.21 22.85 -39.13
N GLU D 186 -48.73 22.48 -40.30
CA GLU D 186 -48.00 21.61 -41.21
C GLU D 186 -46.65 22.20 -41.60
N THR D 187 -46.62 23.50 -41.88
CA THR D 187 -45.37 24.17 -42.26
C THR D 187 -44.43 24.22 -41.08
N LEU D 188 -44.98 24.62 -39.94
CA LEU D 188 -44.24 24.73 -38.69
C LEU D 188 -43.57 23.41 -38.33
N VAL D 189 -44.33 22.33 -38.43
CA VAL D 189 -43.78 21.01 -38.12
C VAL D 189 -42.55 20.71 -38.97
N ASP D 190 -42.67 20.88 -40.29
CA ASP D 190 -41.53 20.60 -41.14
C ASP D 190 -40.38 21.60 -41.02
N ALA D 191 -40.70 22.83 -40.63
CA ALA D 191 -39.67 23.83 -40.44
C ALA D 191 -38.86 23.43 -39.22
N CYS D 192 -39.55 22.97 -38.18
CA CYS D 192 -38.87 22.56 -36.96
C CYS D 192 -38.01 21.32 -37.22
N TRP D 193 -38.47 20.43 -38.09
CA TRP D 193 -37.65 19.25 -38.41
C TRP D 193 -36.41 19.73 -39.16
N ALA D 194 -36.63 20.64 -40.11
CA ALA D 194 -35.53 21.20 -40.90
C ALA D 194 -34.45 21.75 -39.97
N ILE D 195 -34.89 22.56 -39.02
CA ILE D 195 -34.00 23.17 -38.03
C ILE D 195 -33.28 22.13 -37.19
N SER D 196 -33.96 21.06 -36.80
CA SER D 196 -33.31 20.04 -35.98
C SER D 196 -32.19 19.36 -36.76
N TYR D 197 -32.37 19.25 -38.08
CA TYR D 197 -31.35 18.63 -38.94
C TYR D 197 -30.13 19.53 -39.05
N LEU D 198 -30.36 20.85 -39.14
CA LEU D 198 -29.27 21.81 -39.25
C LEU D 198 -28.59 22.01 -37.90
N SER D 199 -29.35 21.81 -36.83
CA SER D 199 -28.85 21.94 -35.48
C SER D 199 -28.09 20.69 -35.07
N ASP D 200 -28.26 19.62 -35.84
CA ASP D 200 -27.56 18.37 -35.55
C ASP D 200 -26.28 18.33 -36.35
N GLY D 201 -25.24 18.98 -35.81
CA GLY D 201 -23.97 19.03 -36.51
C GLY D 201 -22.85 19.69 -35.72
N PRO D 202 -21.88 20.28 -36.42
CA PRO D 202 -20.72 20.96 -35.82
C PRO D 202 -21.11 22.21 -35.04
N GLN D 203 -20.14 22.70 -34.26
CA GLN D 203 -20.29 23.90 -33.45
C GLN D 203 -20.73 25.07 -34.31
N GLU D 204 -20.18 25.14 -35.53
CA GLU D 204 -20.52 26.22 -36.45
C GLU D 204 -22.00 26.20 -36.84
N ALA D 205 -22.54 25.00 -37.05
CA ALA D 205 -23.95 24.86 -37.43
C ALA D 205 -24.84 25.31 -36.27
N ILE D 206 -24.58 24.77 -35.08
CA ILE D 206 -25.34 25.13 -33.90
C ILE D 206 -25.27 26.63 -33.68
N GLN D 207 -24.08 27.20 -33.86
CA GLN D 207 -23.87 28.63 -33.67
C GLN D 207 -24.66 29.46 -34.68
N ALA D 208 -24.73 28.99 -35.91
CA ALA D 208 -25.48 29.71 -36.95
C ALA D 208 -26.96 29.71 -36.56
N VAL D 209 -27.42 28.60 -36.00
CA VAL D 209 -28.81 28.47 -35.58
C VAL D 209 -29.04 29.44 -34.42
N ILE D 210 -28.10 29.47 -33.49
CA ILE D 210 -28.20 30.37 -32.35
C ILE D 210 -28.13 31.83 -32.81
N ASP D 211 -27.23 32.13 -33.74
CA ASP D 211 -27.07 33.50 -34.22
C ASP D 211 -28.30 34.08 -34.90
N VAL D 212 -29.10 33.24 -35.54
CA VAL D 212 -30.30 33.72 -36.21
C VAL D 212 -31.46 33.79 -35.21
N ARG D 213 -31.14 33.51 -33.95
CA ARG D 213 -32.10 33.58 -32.84
C ARG D 213 -33.27 32.60 -32.85
N ILE D 214 -33.03 31.41 -33.41
CA ILE D 214 -34.06 30.37 -33.46
C ILE D 214 -34.41 29.77 -32.10
N PRO D 215 -33.44 29.67 -31.17
CA PRO D 215 -33.70 29.11 -29.84
C PRO D 215 -34.91 29.67 -29.10
N LYS D 216 -34.99 30.99 -28.97
CA LYS D 216 -36.11 31.61 -28.27
C LYS D 216 -37.46 31.06 -28.75
N ARG D 217 -37.60 30.91 -30.06
CA ARG D 217 -38.85 30.42 -30.63
C ARG D 217 -39.04 28.92 -30.38
N LEU D 218 -37.98 28.14 -30.55
CA LEU D 218 -38.07 26.70 -30.33
C LEU D 218 -38.57 26.44 -28.90
N VAL D 219 -38.02 27.18 -27.95
CA VAL D 219 -38.43 27.02 -26.55
C VAL D 219 -39.95 27.23 -26.42
N GLU D 220 -40.46 28.29 -27.03
CA GLU D 220 -41.89 28.60 -27.00
C GLU D 220 -42.71 27.52 -27.68
N LEU D 221 -42.21 26.95 -28.77
CA LEU D 221 -42.94 25.91 -29.48
C LEU D 221 -43.02 24.63 -28.64
N LEU D 222 -42.20 24.56 -27.60
CA LEU D 222 -42.20 23.39 -26.72
C LEU D 222 -43.55 23.26 -26.05
N SER D 223 -44.32 24.36 -26.03
CA SER D 223 -45.65 24.34 -25.43
C SER D 223 -46.77 24.50 -26.48
N HIS D 224 -46.46 24.21 -27.74
CA HIS D 224 -47.48 24.30 -28.78
C HIS D 224 -48.52 23.21 -28.47
N GLU D 225 -49.79 23.50 -28.74
CA GLU D 225 -50.84 22.53 -28.44
C GLU D 225 -50.68 21.17 -29.13
N SER D 226 -49.92 21.13 -30.21
CA SER D 226 -49.72 19.87 -30.93
C SER D 226 -48.36 19.21 -30.71
N THR D 227 -48.37 17.94 -30.34
CA THR D 227 -47.12 17.23 -30.13
C THR D 227 -46.40 17.04 -31.46
N LEU D 228 -47.09 17.30 -32.57
CA LEU D 228 -46.46 17.18 -33.88
C LEU D 228 -45.45 18.31 -34.04
N VAL D 229 -45.68 19.40 -33.30
CA VAL D 229 -44.77 20.55 -33.32
C VAL D 229 -43.78 20.39 -32.17
N GLN D 230 -44.27 19.96 -31.01
CA GLN D 230 -43.42 19.77 -29.84
C GLN D 230 -42.25 18.83 -30.08
N THR D 231 -42.53 17.70 -30.73
CA THR D 231 -41.49 16.72 -31.00
C THR D 231 -40.27 17.27 -31.72
N PRO D 232 -40.43 17.81 -32.94
CA PRO D 232 -39.26 18.35 -33.62
C PRO D 232 -38.66 19.56 -32.90
N ALA D 233 -39.51 20.41 -32.33
CA ALA D 233 -38.99 21.59 -31.63
C ALA D 233 -38.07 21.14 -30.49
N LEU D 234 -38.51 20.09 -29.80
CA LEU D 234 -37.76 19.53 -28.68
C LEU D 234 -36.47 18.89 -29.17
N ARG D 235 -36.53 18.23 -30.32
CA ARG D 235 -35.35 17.60 -30.90
C ARG D 235 -34.32 18.66 -31.26
N ALA D 236 -34.79 19.75 -31.85
CA ALA D 236 -33.93 20.84 -32.23
C ALA D 236 -33.28 21.40 -30.98
N VAL D 237 -34.07 21.66 -29.93
CA VAL D 237 -33.53 22.18 -28.68
C VAL D 237 -32.47 21.22 -28.12
N GLY D 238 -32.77 19.93 -28.16
CA GLY D 238 -31.84 18.94 -27.66
C GLY D 238 -30.54 18.93 -28.45
N ASN D 239 -30.63 19.08 -29.77
CA ASN D 239 -29.41 19.08 -30.57
C ASN D 239 -28.56 20.30 -30.26
N ILE D 240 -29.21 21.41 -29.92
CA ILE D 240 -28.50 22.64 -29.61
C ILE D 240 -27.72 22.55 -28.31
N VAL D 241 -28.29 21.90 -27.30
CA VAL D 241 -27.60 21.78 -26.02
C VAL D 241 -26.54 20.68 -26.04
N THR D 242 -26.28 20.13 -27.23
CA THR D 242 -25.23 19.12 -27.36
C THR D 242 -23.98 19.94 -27.68
N GLY D 243 -24.20 21.25 -27.86
CA GLY D 243 -23.10 22.16 -28.15
C GLY D 243 -22.30 22.49 -26.89
N ASN D 244 -21.35 23.41 -26.99
CA ASN D 244 -20.53 23.76 -25.85
C ASN D 244 -21.32 24.48 -24.74
N ASP D 245 -20.65 24.72 -23.62
CA ASP D 245 -21.27 25.39 -22.48
C ASP D 245 -21.87 26.74 -22.81
N LEU D 246 -21.20 27.54 -23.64
CA LEU D 246 -21.73 28.85 -24.00
C LEU D 246 -23.00 28.73 -24.85
N GLN D 247 -23.00 27.83 -25.83
CA GLN D 247 -24.16 27.63 -26.69
C GLN D 247 -25.32 27.10 -25.86
N THR D 248 -25.02 26.20 -24.92
CA THR D 248 -26.05 25.63 -24.07
C THR D 248 -26.66 26.72 -23.19
N GLN D 249 -25.82 27.66 -22.75
CA GLN D 249 -26.29 28.74 -21.90
C GLN D 249 -27.31 29.63 -22.61
N VAL D 250 -27.19 29.74 -23.94
CA VAL D 250 -28.14 30.53 -24.70
C VAL D 250 -29.54 29.93 -24.58
N VAL D 251 -29.61 28.61 -24.66
CA VAL D 251 -30.91 27.94 -24.57
C VAL D 251 -31.46 28.10 -23.16
N ILE D 252 -30.57 28.02 -22.16
CA ILE D 252 -31.02 28.17 -20.79
C ILE D 252 -31.58 29.57 -20.60
N ASN D 253 -30.91 30.56 -21.18
CA ASN D 253 -31.37 31.93 -21.03
C ASN D 253 -32.66 32.16 -21.79
N ALA D 254 -32.97 31.26 -22.74
CA ALA D 254 -34.19 31.37 -23.52
C ALA D 254 -35.33 30.70 -22.75
N GLY D 255 -35.06 30.33 -21.50
CA GLY D 255 -36.06 29.71 -20.65
C GLY D 255 -36.42 28.27 -20.92
N VAL D 256 -35.45 27.47 -21.35
CA VAL D 256 -35.73 26.07 -21.64
C VAL D 256 -36.02 25.21 -20.39
N LEU D 257 -35.40 25.53 -19.26
CA LEU D 257 -35.59 24.73 -18.05
C LEU D 257 -37.04 24.58 -17.56
N PRO D 258 -37.76 25.71 -17.39
CA PRO D 258 -39.15 25.61 -16.94
C PRO D 258 -40.02 24.91 -17.98
N ALA D 259 -39.71 25.13 -19.26
CA ALA D 259 -40.47 24.50 -20.34
C ALA D 259 -40.28 22.99 -20.27
N LEU D 260 -39.03 22.59 -20.06
CA LEU D 260 -38.68 21.18 -19.93
C LEU D 260 -39.37 20.58 -18.72
N ARG D 261 -39.55 21.40 -17.70
CA ARG D 261 -40.19 20.93 -16.48
C ARG D 261 -41.59 20.40 -16.77
N LEU D 262 -42.32 21.11 -17.61
CA LEU D 262 -43.68 20.72 -17.97
C LEU D 262 -43.68 19.49 -18.87
N LEU D 263 -42.69 19.37 -19.73
CA LEU D 263 -42.61 18.24 -20.64
C LEU D 263 -42.37 16.94 -19.88
N LEU D 264 -41.82 17.03 -18.68
CA LEU D 264 -41.58 15.83 -17.89
C LEU D 264 -42.89 15.15 -17.49
N SER D 265 -44.00 15.87 -17.60
CA SER D 265 -45.30 15.30 -17.25
C SER D 265 -46.18 15.18 -18.50
N SER D 266 -45.56 15.28 -19.67
CA SER D 266 -46.31 15.17 -20.92
C SER D 266 -46.96 13.80 -21.05
N PRO D 267 -48.16 13.75 -21.64
CA PRO D 267 -48.88 12.48 -21.81
C PRO D 267 -48.16 11.57 -22.81
N LYS D 268 -47.34 12.17 -23.69
CA LYS D 268 -46.61 11.40 -24.68
C LYS D 268 -45.27 10.95 -24.11
N GLU D 269 -45.08 9.63 -24.02
CA GLU D 269 -43.86 9.07 -23.47
C GLU D 269 -42.58 9.54 -24.17
N ASN D 270 -42.62 9.68 -25.49
CA ASN D 270 -41.42 10.13 -26.20
C ASN D 270 -41.08 11.58 -25.92
N ILE D 271 -42.06 12.34 -25.43
CA ILE D 271 -41.82 13.75 -25.09
C ILE D 271 -41.05 13.80 -23.78
N LYS D 272 -41.44 12.96 -22.83
CA LYS D 272 -40.75 12.91 -21.53
C LYS D 272 -39.34 12.39 -21.77
N LYS D 273 -39.28 11.35 -22.60
CA LYS D 273 -38.05 10.67 -22.97
C LYS D 273 -36.96 11.64 -23.40
N GLU D 274 -37.26 12.42 -24.44
CA GLU D 274 -36.30 13.38 -24.95
C GLU D 274 -36.21 14.66 -24.14
N ALA D 275 -37.17 14.88 -23.25
CA ALA D 275 -37.10 16.05 -22.39
C ALA D 275 -35.96 15.70 -21.42
N CYS D 276 -35.92 14.45 -21.00
CA CYS D 276 -34.87 13.98 -20.09
C CYS D 276 -33.52 13.98 -20.80
N TRP D 277 -33.52 13.54 -22.05
CA TRP D 277 -32.29 13.50 -22.84
C TRP D 277 -31.74 14.92 -22.93
N THR D 278 -32.61 15.87 -23.23
CA THR D 278 -32.23 17.27 -23.33
C THR D 278 -31.65 17.77 -22.01
N ILE D 279 -32.27 17.39 -20.90
CA ILE D 279 -31.75 17.83 -19.60
C ILE D 279 -30.39 17.23 -19.32
N SER D 280 -30.18 15.97 -19.69
CA SER D 280 -28.89 15.33 -19.45
C SER D 280 -27.78 16.10 -20.15
N ASN D 281 -28.04 16.58 -21.35
CA ASN D 281 -27.01 17.33 -22.05
C ASN D 281 -26.76 18.67 -21.38
N ILE D 282 -27.72 19.12 -20.58
CA ILE D 282 -27.51 20.36 -19.85
C ILE D 282 -26.74 20.02 -18.59
N THR D 283 -27.11 18.94 -17.91
CA THR D 283 -26.38 18.55 -16.70
C THR D 283 -24.99 18.03 -17.07
N ALA D 284 -24.73 17.89 -18.36
CA ALA D 284 -23.41 17.46 -18.80
C ALA D 284 -22.54 18.71 -18.97
N GLY D 285 -23.14 19.86 -18.65
CA GLY D 285 -22.44 21.13 -18.77
C GLY D 285 -21.64 21.51 -17.54
N ASN D 286 -21.40 22.80 -17.35
CA ASN D 286 -20.62 23.26 -16.19
C ASN D 286 -21.42 23.29 -14.89
N THR D 287 -20.74 23.65 -13.81
CA THR D 287 -21.34 23.72 -12.48
C THR D 287 -22.55 24.64 -12.41
N GLU D 288 -22.44 25.82 -13.00
CA GLU D 288 -23.54 26.77 -12.98
C GLU D 288 -24.78 26.20 -13.65
N GLN D 289 -24.59 25.50 -14.76
CA GLN D 289 -25.72 24.94 -15.49
C GLN D 289 -26.35 23.77 -14.75
N ILE D 290 -25.55 23.03 -13.99
CA ILE D 290 -26.10 21.93 -13.21
C ILE D 290 -26.96 22.56 -12.11
N GLN D 291 -26.47 23.67 -11.55
CA GLN D 291 -27.20 24.39 -10.50
C GLN D 291 -28.48 24.98 -11.07
N ALA D 292 -28.40 25.44 -12.32
CA ALA D 292 -29.57 26.01 -12.99
C ALA D 292 -30.67 24.96 -13.05
N VAL D 293 -30.29 23.74 -13.38
CA VAL D 293 -31.25 22.64 -13.46
C VAL D 293 -31.82 22.37 -12.07
N ILE D 294 -30.97 22.45 -11.06
CA ILE D 294 -31.41 22.25 -9.69
C ILE D 294 -32.40 23.33 -9.26
N ASP D 295 -32.06 24.58 -9.56
CA ASP D 295 -32.91 25.71 -9.18
C ASP D 295 -34.23 25.73 -9.96
N ALA D 296 -34.25 25.04 -11.10
CA ALA D 296 -35.45 24.98 -11.94
C ALA D 296 -36.38 23.86 -11.44
N ASN D 297 -35.98 23.23 -10.34
CA ASN D 297 -36.76 22.15 -9.72
C ASN D 297 -36.99 20.97 -10.67
N LEU D 298 -35.97 20.62 -11.43
CA LEU D 298 -36.11 19.49 -12.34
C LEU D 298 -35.68 18.18 -11.72
N ILE D 299 -34.93 18.23 -10.62
CA ILE D 299 -34.48 17.00 -10.00
C ILE D 299 -35.61 16.11 -9.46
N PRO D 300 -36.52 16.67 -8.65
CA PRO D 300 -37.60 15.84 -8.13
C PRO D 300 -38.38 15.07 -9.21
N PRO D 301 -38.90 15.77 -10.23
CA PRO D 301 -39.63 15.04 -11.28
C PRO D 301 -38.73 14.07 -12.05
N LEU D 302 -37.45 14.40 -12.16
CA LEU D 302 -36.53 13.52 -12.84
C LEU D 302 -36.34 12.24 -12.02
N VAL D 303 -36.34 12.39 -10.69
CA VAL D 303 -36.17 11.22 -9.84
C VAL D 303 -37.41 10.34 -9.90
N LYS D 304 -38.59 10.94 -10.09
CA LYS D 304 -39.82 10.15 -10.20
C LYS D 304 -39.82 9.33 -11.49
N LEU D 305 -39.34 9.93 -12.57
CA LEU D 305 -39.27 9.21 -13.83
C LEU D 305 -38.22 8.11 -13.71
N LEU D 306 -37.17 8.39 -12.96
CA LEU D 306 -36.11 7.41 -12.78
C LEU D 306 -36.70 6.17 -12.13
N GLU D 307 -37.73 6.35 -11.31
CA GLU D 307 -38.34 5.22 -10.61
C GLU D 307 -39.58 4.58 -11.23
N VAL D 308 -40.42 5.32 -11.93
CA VAL D 308 -41.63 4.72 -12.48
C VAL D 308 -41.90 4.86 -13.98
N ALA D 309 -41.08 5.63 -14.69
CA ALA D 309 -41.28 5.82 -16.12
C ALA D 309 -40.89 4.58 -16.94
N GLU D 310 -41.25 4.56 -18.21
CA GLU D 310 -40.87 3.46 -19.09
C GLU D 310 -39.34 3.41 -19.10
N ASP D 311 -38.79 2.23 -19.36
CA ASP D 311 -37.33 2.09 -19.37
C ASP D 311 -36.59 3.07 -20.27
N LYS D 312 -37.06 3.26 -21.50
CA LYS D 312 -36.38 4.20 -22.38
C LYS D 312 -36.28 5.57 -21.71
N THR D 313 -37.38 6.01 -21.10
CA THR D 313 -37.38 7.29 -20.41
C THR D 313 -36.49 7.27 -19.16
N LYS D 314 -36.56 6.17 -18.41
CA LYS D 314 -35.73 6.05 -17.21
C LYS D 314 -34.26 6.18 -17.56
N LYS D 315 -33.86 5.55 -18.65
CA LYS D 315 -32.48 5.59 -19.07
C LYS D 315 -31.97 7.01 -19.24
N GLU D 316 -32.77 7.86 -19.87
CA GLU D 316 -32.37 9.25 -20.08
C GLU D 316 -32.35 10.02 -18.76
N ALA D 317 -33.31 9.72 -17.88
CA ALA D 317 -33.38 10.37 -16.57
C ALA D 317 -32.10 10.01 -15.82
N CYS D 318 -31.62 8.79 -16.02
CA CYS D 318 -30.41 8.34 -15.38
C CYS D 318 -29.23 9.17 -15.87
N TRP D 319 -29.14 9.35 -17.18
CA TRP D 319 -28.08 10.16 -17.74
C TRP D 319 -28.09 11.55 -17.13
N ALA D 320 -29.28 12.15 -17.06
CA ALA D 320 -29.44 13.48 -16.49
C ALA D 320 -28.85 13.55 -15.08
N ILE D 321 -29.38 12.71 -14.18
CA ILE D 321 -28.91 12.68 -12.80
C ILE D 321 -27.43 12.26 -12.70
N SER D 322 -27.02 11.29 -13.52
CA SER D 322 -25.63 10.86 -13.49
C SER D 322 -24.70 12.01 -13.89
N ASN D 323 -24.99 12.66 -15.02
CA ASN D 323 -24.18 13.78 -15.47
C ASN D 323 -24.12 14.87 -14.41
N ALA D 324 -25.23 15.06 -13.69
CA ALA D 324 -25.27 16.09 -12.66
C ALA D 324 -24.38 15.72 -11.48
N SER D 325 -24.25 14.43 -11.20
CA SER D 325 -23.44 13.99 -10.08
C SER D 325 -21.94 14.23 -10.33
N SER D 326 -21.56 14.35 -11.59
CA SER D 326 -20.15 14.61 -11.92
C SER D 326 -19.76 16.00 -11.44
N GLY D 327 -20.75 16.85 -11.20
CA GLY D 327 -20.50 18.20 -10.73
C GLY D 327 -20.29 18.27 -9.23
N GLY D 328 -20.58 17.17 -8.54
CA GLY D 328 -20.40 17.15 -7.11
C GLY D 328 -18.96 17.37 -6.71
N LEU D 329 -18.03 17.01 -7.60
CA LEU D 329 -16.61 17.20 -7.32
C LEU D 329 -16.29 18.68 -7.15
N GLN D 330 -16.87 19.51 -8.03
CA GLN D 330 -16.64 20.94 -7.98
C GLN D 330 -17.52 21.62 -6.92
N ARG D 331 -18.68 21.03 -6.65
CA ARG D 331 -19.61 21.58 -5.67
C ARG D 331 -20.33 20.43 -4.97
N PRO D 332 -19.78 19.95 -3.85
CA PRO D 332 -20.33 18.84 -3.06
C PRO D 332 -21.82 18.93 -2.77
N ASP D 333 -22.31 20.12 -2.46
CA ASP D 333 -23.73 20.28 -2.16
C ASP D 333 -24.65 19.73 -3.25
N ILE D 334 -24.16 19.68 -4.49
CA ILE D 334 -24.96 19.13 -5.59
C ILE D 334 -25.26 17.67 -5.28
N ILE D 335 -24.27 16.96 -4.75
CA ILE D 335 -24.45 15.56 -4.39
C ILE D 335 -25.40 15.45 -3.20
N ARG D 336 -25.20 16.28 -2.18
CA ARG D 336 -26.09 16.23 -1.02
C ARG D 336 -27.50 16.50 -1.47
N TYR D 337 -27.68 17.45 -2.38
CA TYR D 337 -29.01 17.74 -2.87
C TYR D 337 -29.58 16.53 -3.60
N LEU D 338 -28.83 16.00 -4.55
CA LEU D 338 -29.32 14.84 -5.30
C LEU D 338 -29.70 13.69 -4.37
N VAL D 339 -28.89 13.48 -3.32
CA VAL D 339 -29.17 12.41 -2.37
C VAL D 339 -30.42 12.70 -1.54
N SER D 340 -30.57 13.93 -1.07
CA SER D 340 -31.73 14.29 -0.28
C SER D 340 -33.01 14.13 -1.08
N GLN D 341 -32.91 14.26 -2.40
CA GLN D 341 -34.08 14.14 -3.26
C GLN D 341 -34.40 12.68 -3.61
N GLY D 342 -33.72 11.76 -2.92
CA GLY D 342 -33.96 10.35 -3.13
C GLY D 342 -33.46 9.70 -4.40
N CYS D 343 -32.34 10.17 -4.96
CA CYS D 343 -31.84 9.58 -6.19
C CYS D 343 -31.17 8.22 -5.97
N ILE D 344 -30.73 7.94 -4.75
CA ILE D 344 -30.04 6.68 -4.47
C ILE D 344 -30.83 5.39 -4.72
N LYS D 345 -32.01 5.24 -4.12
CA LYS D 345 -32.80 4.03 -4.32
C LYS D 345 -33.10 3.71 -5.79
N PRO D 346 -33.64 4.69 -6.54
CA PRO D 346 -33.97 4.51 -7.96
C PRO D 346 -32.75 4.19 -8.81
N LEU D 347 -31.62 4.81 -8.50
CA LEU D 347 -30.39 4.57 -9.24
C LEU D 347 -29.96 3.13 -9.07
N CYS D 348 -29.95 2.65 -7.82
CA CYS D 348 -29.57 1.28 -7.53
C CYS D 348 -30.47 0.33 -8.30
N ASP D 349 -31.78 0.45 -8.09
CA ASP D 349 -32.74 -0.41 -8.78
C ASP D 349 -32.48 -0.51 -10.28
N LEU D 350 -31.99 0.56 -10.88
CA LEU D 350 -31.73 0.57 -12.31
C LEU D 350 -30.52 -0.30 -12.67
N LEU D 351 -29.79 -0.75 -11.65
CA LEU D 351 -28.62 -1.60 -11.86
C LEU D 351 -28.99 -2.93 -12.50
N GLU D 352 -30.25 -3.33 -12.40
CA GLU D 352 -30.70 -4.60 -12.96
C GLU D 352 -31.32 -4.45 -14.34
N ILE D 353 -31.22 -3.27 -14.94
CA ILE D 353 -31.80 -3.06 -16.25
C ILE D 353 -30.97 -3.80 -17.30
N ALA D 354 -31.59 -4.14 -18.42
CA ALA D 354 -30.90 -4.88 -19.47
C ALA D 354 -30.25 -3.97 -20.52
N ASP D 355 -29.32 -3.13 -20.06
CA ASP D 355 -28.59 -2.20 -20.92
C ASP D 355 -27.28 -1.89 -20.20
N ASN D 356 -26.18 -2.47 -20.66
CA ASN D 356 -24.90 -2.24 -20.02
C ASN D 356 -24.47 -0.77 -20.01
N ARG D 357 -24.73 -0.06 -21.10
CA ARG D 357 -24.36 1.35 -21.18
C ARG D 357 -24.96 2.10 -20.00
N ILE D 358 -26.22 1.82 -19.72
CA ILE D 358 -26.92 2.45 -18.60
C ILE D 358 -26.33 2.02 -17.27
N ILE D 359 -25.93 0.76 -17.18
CA ILE D 359 -25.35 0.23 -15.95
C ILE D 359 -24.07 1.00 -15.60
N GLU D 360 -23.30 1.37 -16.62
CA GLU D 360 -22.06 2.11 -16.41
C GLU D 360 -22.40 3.52 -15.97
N VAL D 361 -23.44 4.08 -16.57
CA VAL D 361 -23.88 5.43 -16.23
C VAL D 361 -24.38 5.45 -14.79
N THR D 362 -25.07 4.39 -14.41
CA THR D 362 -25.60 4.29 -13.05
C THR D 362 -24.47 4.10 -12.04
N LEU D 363 -23.52 3.24 -12.37
CA LEU D 363 -22.39 3.01 -11.46
C LEU D 363 -21.56 4.27 -11.27
N ASP D 364 -21.40 5.05 -12.34
CA ASP D 364 -20.63 6.30 -12.26
C ASP D 364 -21.30 7.27 -11.28
N ALA D 365 -22.62 7.36 -11.38
CA ALA D 365 -23.40 8.24 -10.53
C ALA D 365 -23.28 7.81 -9.07
N LEU D 366 -23.40 6.51 -8.84
CA LEU D 366 -23.31 5.97 -7.49
C LEU D 366 -21.89 6.18 -6.96
N GLU D 367 -20.92 6.10 -7.86
CA GLU D 367 -19.54 6.31 -7.47
C GLU D 367 -19.31 7.76 -7.07
N ASN D 368 -19.90 8.70 -7.83
CA ASN D 368 -19.76 10.11 -7.49
C ASN D 368 -20.41 10.35 -6.14
N ILE D 369 -21.49 9.64 -5.88
CA ILE D 369 -22.21 9.74 -4.62
C ILE D 369 -21.37 9.15 -3.48
N LEU D 370 -20.63 8.08 -3.78
CA LEU D 370 -19.80 7.44 -2.78
C LEU D 370 -18.58 8.30 -2.46
N LYS D 371 -17.95 8.86 -3.48
CA LYS D 371 -16.78 9.71 -3.26
C LYS D 371 -17.14 10.87 -2.34
N MET D 372 -18.22 11.56 -2.67
CA MET D 372 -18.66 12.70 -1.86
C MET D 372 -18.90 12.25 -0.44
N GLY D 373 -19.51 11.09 -0.28
CA GLY D 373 -19.77 10.57 1.04
C GLY D 373 -18.48 10.24 1.76
N GLU D 374 -17.51 9.72 1.02
CA GLU D 374 -16.22 9.35 1.59
C GLU D 374 -15.47 10.60 2.00
N ALA D 375 -15.46 11.61 1.13
CA ALA D 375 -14.80 12.87 1.40
C ALA D 375 -15.41 13.51 2.63
N ASP D 376 -16.72 13.39 2.77
CA ASP D 376 -17.45 13.96 3.89
C ASP D 376 -16.98 13.40 5.24
N LYS D 377 -16.86 12.07 5.35
CA LYS D 377 -16.45 11.47 6.60
C LYS D 377 -14.98 11.80 6.86
N GLU D 378 -14.20 11.89 5.78
CA GLU D 378 -12.79 12.21 5.87
C GLU D 378 -12.63 13.62 6.43
N ALA D 379 -13.41 14.55 5.89
CA ALA D 379 -13.38 15.94 6.34
C ALA D 379 -13.58 15.92 7.85
N ARG D 380 -14.56 15.15 8.31
CA ARG D 380 -14.85 15.03 9.72
C ARG D 380 -13.89 13.99 10.30
N GLY D 381 -14.25 13.44 11.45
CA GLY D 381 -13.42 12.42 12.07
C GLY D 381 -14.28 11.20 12.24
N LEU D 382 -15.02 10.86 11.20
CA LEU D 382 -15.92 9.72 11.24
C LEU D 382 -15.33 8.49 10.54
N ASN D 383 -15.95 7.34 10.76
CA ASN D 383 -15.49 6.10 10.15
C ASN D 383 -16.53 5.49 9.22
N ILE D 384 -17.67 6.16 9.06
CA ILE D 384 -18.72 5.65 8.19
C ILE D 384 -19.15 6.60 7.08
N ASN D 385 -19.25 6.07 5.87
CA ASN D 385 -19.66 6.85 4.72
C ASN D 385 -21.19 6.84 4.70
N GLU D 386 -21.78 7.98 5.00
CA GLU D 386 -23.24 8.10 5.03
C GLU D 386 -23.89 7.59 3.76
N ASN D 387 -23.39 8.02 2.60
CA ASN D 387 -23.98 7.58 1.35
C ASN D 387 -23.76 6.10 1.08
N ALA D 388 -22.71 5.53 1.67
CA ALA D 388 -22.44 4.11 1.50
C ALA D 388 -23.53 3.36 2.25
N ASP D 389 -23.93 3.92 3.40
CA ASP D 389 -24.97 3.32 4.23
C ASP D 389 -26.32 3.40 3.53
N PHE D 390 -26.58 4.52 2.88
CA PHE D 390 -27.83 4.72 2.14
C PHE D 390 -27.98 3.72 1.00
N ILE D 391 -26.89 3.47 0.29
CA ILE D 391 -26.91 2.55 -0.83
C ILE D 391 -27.13 1.12 -0.36
N GLU D 392 -26.47 0.74 0.73
CA GLU D 392 -26.64 -0.62 1.27
C GLU D 392 -28.09 -0.81 1.69
N LYS D 393 -28.61 0.15 2.45
CA LYS D 393 -29.99 0.11 2.92
C LYS D 393 -30.98 0.05 1.77
N ALA D 394 -30.62 0.67 0.65
CA ALA D 394 -31.48 0.69 -0.54
C ALA D 394 -31.34 -0.58 -1.37
N GLY D 395 -30.50 -1.51 -0.91
CA GLY D 395 -30.30 -2.75 -1.63
C GLY D 395 -29.33 -2.58 -2.78
N GLY D 396 -28.68 -1.40 -2.82
CA GLY D 396 -27.74 -1.12 -3.87
C GLY D 396 -26.44 -1.87 -3.74
N MET D 397 -25.89 -1.93 -2.53
CA MET D 397 -24.63 -2.64 -2.31
C MET D 397 -24.70 -4.02 -2.94
N GLU D 398 -25.75 -4.76 -2.58
CA GLU D 398 -25.97 -6.10 -3.11
C GLU D 398 -25.98 -6.09 -4.65
N LYS D 399 -26.77 -5.19 -5.22
CA LYS D 399 -26.85 -5.12 -6.68
C LYS D 399 -25.51 -4.74 -7.31
N ILE D 400 -24.71 -3.94 -6.61
CA ILE D 400 -23.41 -3.54 -7.13
C ILE D 400 -22.48 -4.75 -7.05
N PHE D 401 -22.60 -5.50 -5.96
CA PHE D 401 -21.77 -6.69 -5.78
C PHE D 401 -22.03 -7.62 -6.96
N ASN D 402 -23.31 -7.75 -7.33
CA ASN D 402 -23.69 -8.62 -8.44
C ASN D 402 -23.21 -8.16 -9.81
N CYS D 403 -22.92 -6.86 -9.94
CA CYS D 403 -22.43 -6.35 -11.21
C CYS D 403 -20.99 -6.80 -11.44
N GLN D 404 -20.38 -7.34 -10.39
CA GLN D 404 -19.01 -7.82 -10.48
C GLN D 404 -18.93 -9.08 -11.35
N GLN D 405 -20.04 -9.80 -11.43
CA GLN D 405 -20.07 -11.02 -12.24
C GLN D 405 -20.63 -10.76 -13.64
N ASN D 406 -20.63 -9.49 -14.04
CA ASN D 406 -21.13 -9.11 -15.36
C ASN D 406 -20.03 -9.35 -16.39
N GLU D 407 -20.39 -10.00 -17.50
CA GLU D 407 -19.42 -10.30 -18.55
C GLU D 407 -18.69 -9.07 -19.10
N ASN D 408 -19.38 -7.94 -19.10
CA ASN D 408 -18.80 -6.70 -19.60
C ASN D 408 -17.68 -6.20 -18.68
N ASP D 409 -16.48 -6.08 -19.23
CA ASP D 409 -15.31 -5.64 -18.47
C ASP D 409 -15.49 -4.31 -17.74
N LYS D 410 -15.86 -3.26 -18.47
CA LYS D 410 -16.06 -1.95 -17.88
C LYS D 410 -16.97 -2.03 -16.65
N ILE D 411 -18.12 -2.67 -16.81
CA ILE D 411 -19.05 -2.84 -15.71
C ILE D 411 -18.33 -3.53 -14.56
N TYR D 412 -17.71 -4.66 -14.89
CA TYR D 412 -16.97 -5.44 -13.91
C TYR D 412 -15.98 -4.62 -13.10
N GLU D 413 -15.03 -4.01 -13.80
CA GLU D 413 -14.00 -3.21 -13.13
C GLU D 413 -14.57 -2.05 -12.33
N LYS D 414 -15.69 -1.49 -12.76
CA LYS D 414 -16.28 -0.37 -12.03
C LYS D 414 -16.92 -0.90 -10.74
N ALA D 415 -17.67 -1.98 -10.88
CA ALA D 415 -18.34 -2.60 -9.73
C ALA D 415 -17.32 -3.05 -8.70
N TYR D 416 -16.27 -3.71 -9.17
CA TYR D 416 -15.21 -4.20 -8.30
C TYR D 416 -14.62 -3.08 -7.44
N LYS D 417 -14.16 -2.00 -8.09
CA LYS D 417 -13.58 -0.88 -7.36
C LYS D 417 -14.53 -0.29 -6.33
N ILE D 418 -15.82 -0.23 -6.67
CA ILE D 418 -16.81 0.31 -5.75
C ILE D 418 -16.92 -0.53 -4.48
N ILE D 419 -17.01 -1.85 -4.65
CA ILE D 419 -17.14 -2.74 -3.50
C ILE D 419 -15.90 -2.68 -2.60
N GLU D 420 -14.72 -2.76 -3.20
CA GLU D 420 -13.47 -2.74 -2.44
C GLU D 420 -13.19 -1.39 -1.79
N THR D 421 -13.66 -0.31 -2.40
CA THR D 421 -13.41 1.02 -1.87
C THR D 421 -14.40 1.47 -0.80
N TYR D 422 -15.67 1.13 -0.93
CA TYR D 422 -16.64 1.57 0.06
C TYR D 422 -17.41 0.43 0.75
N PHE D 423 -17.27 -0.78 0.24
CA PHE D 423 -17.98 -1.90 0.85
C PHE D 423 -17.07 -3.10 1.09
N PRO E 1 -40.33 12.93 -40.09
CA PRO E 1 -41.41 12.32 -40.87
C PRO E 1 -40.91 11.54 -42.08
N ALA E 2 -41.84 11.01 -42.87
CA ALA E 2 -41.49 10.25 -44.05
C ALA E 2 -40.62 11.09 -44.97
N ALA E 3 -39.61 10.48 -45.55
CA ALA E 3 -38.72 11.21 -46.45
C ALA E 3 -39.42 11.51 -47.77
N LYS E 4 -40.31 10.61 -48.17
CA LYS E 4 -41.03 10.77 -49.43
C LYS E 4 -42.55 10.86 -49.26
N ARG E 5 -43.20 11.48 -50.24
CA ARG E 5 -44.64 11.64 -50.21
C ARG E 5 -45.24 11.47 -51.60
N VAL E 6 -46.24 10.59 -51.70
CA VAL E 6 -46.92 10.39 -52.97
C VAL E 6 -47.83 11.60 -53.04
N LYS E 7 -47.95 12.19 -54.22
CA LYS E 7 -48.79 13.37 -54.38
C LYS E 7 -50.13 12.93 -54.97
N LEU E 8 -51.16 12.91 -54.12
CA LEU E 8 -52.49 12.48 -54.55
C LEU E 8 -53.42 13.66 -54.77
N ASP E 9 -53.15 14.75 -54.05
CA ASP E 9 -53.96 15.97 -54.07
C ASP E 9 -55.16 15.86 -53.14
N LYS F 4 -21.85 15.12 -23.35
CA LYS F 4 -23.04 15.33 -24.15
C LYS F 4 -23.24 14.20 -25.17
N ARG F 5 -24.49 13.87 -25.45
CA ARG F 5 -24.80 12.79 -26.39
C ARG F 5 -25.64 13.25 -27.58
N VAL F 6 -25.17 12.92 -28.79
CA VAL F 6 -25.88 13.29 -30.00
C VAL F 6 -26.69 12.12 -30.55
N LYS F 7 -27.64 12.43 -31.43
CA LYS F 7 -28.48 11.43 -32.05
C LYS F 7 -27.66 10.63 -33.07
#